data_8S3G
#
_entry.id   8S3G
#
_cell.length_a   151.245
_cell.length_b   151.245
_cell.length_c   146.043
_cell.angle_alpha   90.000
_cell.angle_beta   90.000
_cell.angle_gamma   120.000
#
_symmetry.space_group_name_H-M   'P 3 2 1'
#
loop_
_entity.id
_entity.type
_entity.pdbx_description
1 polymer 'Glutamate dehydrogenase'
2 water water
#
_entity_poly.entity_id   1
_entity_poly.type   'polypeptide(L)'
_entity_poly.pdbx_seq_one_letter_code
;MLSTLARTSGRLIFRRALSSAQMDAHAQVIDDLKPMEEQSNPSFFKMVDYYFDKGATVIEPKLVEEMKSNSMSVMDKKNL
VSGILKAIKPVNKVLYITFPIRRDNGEFEVVEAWRAQHSEHRTPTKGGIRYSLDVCEDEVKALSALMTYKCAAVDVPFGG
AKGGVKIDPKMYTDYEIEKITRRIAIEFAKKGFLGPGVDVPAPDMGTGEREMGWIADTYAQTIGHLDRDASACITGKPIV
AGGIHGRVSATGRGVWKGLEVFAKEPEYMEKIGLTPGLPGKTVIIQGFGNVGLHTMRYLHRAGSKVVGIQEWDCAIHNPA
GIHPKELEDWRDQTGSIKNFPGAKNFEPFGDLIYEACDILVPAACEKAIHKENAGRIQAKIIAEAANGPTTPAADKILLE
RGNCLIIPDMYVNSGGVTVSYFEWLKNLNHVSYGRLSFKYEEDANLMLLQSVQDSLEKAIGKEAPVRPNAQFAAKIAGAS
EKDIVHSGLEYTMARSGEAIIRTARKYNLGLDMRTAAYANSIEKVYNTYRTAGFTFT
;
_entity_poly.pdbx_strand_id   A,B
#
# COMPACT_ATOMS: atom_id res chain seq x y z
N LYS A 34 2.99 -23.00 21.02
CA LYS A 34 2.97 -24.36 20.48
C LYS A 34 3.67 -24.41 19.12
N PRO A 35 4.57 -25.38 18.93
CA PRO A 35 5.25 -25.52 17.64
C PRO A 35 4.24 -25.74 16.51
N MET A 36 4.67 -25.42 15.29
CA MET A 36 3.73 -25.43 14.16
C MET A 36 3.23 -26.84 13.88
N GLU A 37 4.08 -27.86 14.04
CA GLU A 37 3.69 -29.25 13.81
C GLU A 37 2.73 -29.78 14.88
N GLU A 38 2.32 -28.95 15.86
CA GLU A 38 1.34 -29.36 16.86
C GLU A 38 0.18 -28.37 17.03
N GLN A 39 0.13 -27.29 16.25
CA GLN A 39 -0.98 -26.35 16.33
C GLN A 39 -2.24 -26.93 15.69
N SER A 40 -3.38 -26.31 16.00
CA SER A 40 -4.68 -26.79 15.53
C SER A 40 -5.29 -25.95 14.43
N ASN A 41 -5.25 -24.62 14.55
CA ASN A 41 -5.72 -23.71 13.51
C ASN A 41 -4.70 -22.59 13.34
N PRO A 42 -3.61 -22.85 12.62
CA PRO A 42 -2.59 -21.82 12.41
C PRO A 42 -2.94 -20.90 11.25
N SER A 43 -2.31 -19.73 11.27
CA SER A 43 -2.48 -18.77 10.20
C SER A 43 -1.92 -19.32 8.90
N PHE A 44 -2.54 -18.95 7.78
CA PHE A 44 -2.11 -19.46 6.48
C PHE A 44 -0.67 -19.01 6.17
N PHE A 45 -0.33 -17.76 6.49
CA PHE A 45 1.02 -17.28 6.22
C PHE A 45 2.06 -18.06 7.05
N LYS A 46 1.70 -18.45 8.27
CA LYS A 46 2.61 -19.27 9.07
C LYS A 46 2.81 -20.66 8.46
N MET A 47 1.78 -21.24 7.84
CA MET A 47 1.95 -22.55 7.20
C MET A 47 2.94 -22.45 6.05
N VAL A 48 2.77 -21.44 5.19
CA VAL A 48 3.65 -21.26 4.05
C VAL A 48 5.10 -21.10 4.48
N ASP A 49 5.33 -20.35 5.56
CA ASP A 49 6.70 -20.13 6.03
C ASP A 49 7.31 -21.35 6.74
N TYR A 50 6.50 -22.13 7.46
CA TYR A 50 7.01 -23.39 8.00
C TYR A 50 7.43 -24.34 6.88
N TYR A 51 6.60 -24.49 5.85
CA TYR A 51 6.98 -25.33 4.72
C TYR A 51 8.18 -24.75 3.98
N PHE A 52 8.24 -23.42 3.87
CA PHE A 52 9.41 -22.77 3.30
C PHE A 52 10.69 -23.17 4.04
N ASP A 53 10.64 -23.15 5.37
CA ASP A 53 11.84 -23.47 6.15
C ASP A 53 12.31 -24.90 5.91
N LYS A 54 11.37 -25.87 5.86
CA LYS A 54 11.78 -27.24 5.59
C LYS A 54 12.54 -27.35 4.28
N GLY A 55 11.99 -26.78 3.20
CA GLY A 55 12.70 -26.76 1.93
C GLY A 55 14.03 -26.05 1.96
N ALA A 56 14.09 -24.86 2.61
CA ALA A 56 15.33 -24.09 2.69
C ALA A 56 16.45 -24.90 3.37
N THR A 57 16.13 -25.56 4.48
CA THR A 57 17.11 -26.39 5.18
C THR A 57 17.73 -27.46 4.28
N VAL A 58 16.91 -28.10 3.46
CA VAL A 58 17.41 -29.17 2.59
C VAL A 58 18.35 -28.59 1.54
N ILE A 59 17.93 -27.50 0.87
CA ILE A 59 18.63 -27.04 -0.32
C ILE A 59 19.77 -26.07 -0.03
N GLU A 60 19.91 -25.59 1.21
CA GLU A 60 20.92 -24.58 1.55
C GLU A 60 22.34 -24.98 1.15
N PRO A 61 22.85 -26.20 1.46
CA PRO A 61 24.21 -26.55 1.00
C PRO A 61 24.38 -26.43 -0.50
N LYS A 62 23.36 -26.82 -1.27
CA LYS A 62 23.42 -26.69 -2.73
C LYS A 62 23.52 -25.21 -3.15
N LEU A 63 22.76 -24.34 -2.50
CA LEU A 63 22.82 -22.92 -2.84
C LEU A 63 24.22 -22.36 -2.56
N VAL A 64 24.85 -22.78 -1.46
CA VAL A 64 26.21 -22.32 -1.17
C VAL A 64 27.16 -22.74 -2.29
N GLU A 65 27.06 -23.99 -2.74
CA GLU A 65 27.96 -24.46 -3.77
C GLU A 65 27.78 -23.71 -5.08
N GLU A 66 26.55 -23.27 -5.38
CA GLU A 66 26.28 -22.56 -6.64
C GLU A 66 26.78 -21.12 -6.64
N MET A 67 27.24 -20.58 -5.52
CA MET A 67 27.73 -19.21 -5.50
C MET A 67 29.20 -19.25 -5.89
N LYS A 68 29.46 -19.03 -7.18
CA LYS A 68 30.84 -19.01 -7.67
C LYS A 68 31.42 -17.64 -7.36
N SER A 69 32.46 -17.61 -6.53
CA SER A 69 33.15 -16.36 -6.26
C SER A 69 34.49 -16.71 -5.61
N ASN A 70 35.59 -16.32 -6.27
CA ASN A 70 36.90 -16.54 -5.68
C ASN A 70 37.23 -15.52 -4.59
N SER A 71 36.37 -14.53 -4.38
CA SER A 71 36.57 -13.49 -3.38
C SER A 71 35.96 -13.83 -2.02
N MET A 72 35.00 -14.75 -1.95
CA MET A 72 34.29 -15.05 -0.72
C MET A 72 34.71 -16.40 -0.17
N SER A 73 34.85 -16.49 1.15
CA SER A 73 35.04 -17.78 1.82
C SER A 73 33.70 -18.52 1.90
N VAL A 74 33.78 -19.78 2.31
CA VAL A 74 32.56 -20.55 2.51
C VAL A 74 31.70 -19.90 3.58
N MET A 75 32.33 -19.35 4.63
CA MET A 75 31.54 -18.66 5.65
CA MET A 75 31.57 -18.64 5.66
C MET A 75 30.81 -17.47 5.06
N ASP A 76 31.50 -16.65 4.23
CA ASP A 76 30.86 -15.50 3.60
C ASP A 76 29.65 -15.91 2.75
N LYS A 77 29.81 -16.98 1.97
CA LYS A 77 28.73 -17.45 1.09
C LYS A 77 27.51 -17.87 1.89
N LYS A 78 27.71 -18.61 3.00
CA LYS A 78 26.60 -18.99 3.85
C LYS A 78 25.90 -17.78 4.48
N ASN A 79 26.64 -16.71 4.79
CA ASN A 79 25.97 -15.54 5.33
C ASN A 79 25.15 -14.81 4.26
N LEU A 80 25.65 -14.75 3.02
CA LEU A 80 24.87 -14.09 1.98
C LEU A 80 23.65 -14.93 1.57
N VAL A 81 23.81 -16.26 1.50
CA VAL A 81 22.67 -17.11 1.18
C VAL A 81 21.57 -16.93 2.20
N SER A 82 21.93 -16.86 3.48
CA SER A 82 20.90 -16.70 4.51
C SER A 82 20.27 -15.30 4.46
N GLY A 83 21.01 -14.29 4.00
CA GLY A 83 20.39 -13.00 3.74
C GLY A 83 19.38 -13.04 2.61
N ILE A 84 19.72 -13.73 1.52
CA ILE A 84 18.80 -13.80 0.38
C ILE A 84 17.50 -14.47 0.81
N LEU A 85 17.60 -15.59 1.55
CA LEU A 85 16.39 -16.30 1.97
C LEU A 85 15.60 -15.46 2.95
N LYS A 86 16.28 -14.61 3.72
CA LYS A 86 15.57 -13.72 4.63
C LYS A 86 14.74 -12.68 3.86
N ALA A 87 15.21 -12.25 2.68
CA ALA A 87 14.47 -11.26 1.89
C ALA A 87 13.32 -11.90 1.09
N ILE A 88 13.47 -13.17 0.67
CA ILE A 88 12.45 -13.84 -0.13
C ILE A 88 11.14 -13.99 0.64
N LYS A 89 11.20 -14.40 1.92
CA LYS A 89 9.98 -14.77 2.64
C LYS A 89 8.98 -13.62 2.84
N PRO A 90 9.36 -12.41 3.28
CA PRO A 90 8.35 -11.36 3.47
C PRO A 90 7.88 -10.75 2.15
N VAL A 91 6.64 -10.30 2.18
CA VAL A 91 6.02 -9.57 1.07
C VAL A 91 6.72 -8.22 0.87
N ASN A 92 7.12 -7.94 -0.38
CA ASN A 92 7.82 -6.70 -0.69
C ASN A 92 6.91 -5.48 -0.59
N LYS A 93 5.68 -5.55 -1.14
CA LYS A 93 4.81 -4.40 -1.32
C LYS A 93 3.34 -4.74 -1.13
N VAL A 94 2.61 -3.86 -0.44
CA VAL A 94 1.13 -3.91 -0.40
C VAL A 94 0.59 -2.51 -0.64
N LEU A 95 -0.37 -2.39 -1.55
CA LEU A 95 -1.13 -1.15 -1.79
C LEU A 95 -2.55 -1.37 -1.30
N TYR A 96 -3.00 -0.42 -0.47
CA TYR A 96 -4.35 -0.36 0.09
C TYR A 96 -5.03 0.92 -0.41
N ILE A 97 -6.31 0.81 -0.83
CA ILE A 97 -7.04 1.96 -1.38
C ILE A 97 -8.47 1.98 -0.84
N THR A 98 -9.03 3.21 -0.76
CA THR A 98 -10.45 3.44 -0.49
C THR A 98 -10.96 4.41 -1.55
N PHE A 99 -12.23 4.29 -1.90
CA PHE A 99 -12.77 5.14 -2.96
C PHE A 99 -14.28 5.12 -2.88
N PRO A 100 -14.95 6.20 -3.26
CA PRO A 100 -16.42 6.21 -3.25
C PRO A 100 -16.98 5.58 -4.53
N ILE A 101 -18.17 5.00 -4.40
CA ILE A 101 -18.96 4.66 -5.57
C ILE A 101 -20.40 5.13 -5.37
N ARG A 102 -21.03 5.45 -6.49
CA ARG A 102 -22.44 5.86 -6.52
C ARG A 102 -23.31 4.61 -6.73
N ARG A 103 -24.07 4.24 -5.71
CA ARG A 103 -25.14 3.26 -5.89
C ARG A 103 -26.16 3.72 -6.95
N ASP A 104 -26.94 2.74 -7.44
CA ASP A 104 -27.88 3.03 -8.52
C ASP A 104 -28.98 4.00 -8.10
N ASN A 105 -29.40 3.95 -6.82
CA ASN A 105 -30.44 4.84 -6.32
C ASN A 105 -29.95 6.25 -5.99
N GLY A 106 -28.64 6.48 -5.95
CA GLY A 106 -28.09 7.82 -5.79
C GLY A 106 -27.28 8.06 -4.53
N GLU A 107 -27.29 7.17 -3.55
CA GLU A 107 -26.41 7.33 -2.40
C GLU A 107 -25.02 6.76 -2.70
N PHE A 108 -24.06 7.11 -1.85
CA PHE A 108 -22.66 6.84 -2.07
C PHE A 108 -22.14 5.93 -0.97
N GLU A 109 -21.17 5.09 -1.32
CA GLU A 109 -20.57 4.15 -0.38
C GLU A 109 -19.05 4.18 -0.58
N VAL A 110 -18.31 3.87 0.49
CA VAL A 110 -16.85 3.79 0.44
C VAL A 110 -16.44 2.31 0.41
N VAL A 111 -15.56 1.96 -0.53
CA VAL A 111 -15.10 0.58 -0.75
C VAL A 111 -13.59 0.50 -0.49
N GLU A 112 -13.18 -0.60 0.13
CA GLU A 112 -11.77 -0.90 0.39
C GLU A 112 -11.25 -1.96 -0.56
N ALA A 113 -9.97 -1.84 -0.95
CA ALA A 113 -9.32 -2.89 -1.72
C ALA A 113 -7.83 -2.91 -1.41
N TRP A 114 -7.19 -4.02 -1.79
CA TRP A 114 -5.81 -4.35 -1.48
C TRP A 114 -5.17 -5.09 -2.66
N ARG A 115 -3.89 -4.83 -2.88
CA ARG A 115 -3.09 -5.56 -3.87
C ARG A 115 -1.70 -5.74 -3.30
N ALA A 116 -1.27 -7.01 -3.19
CA ALA A 116 0.04 -7.37 -2.67
C ALA A 116 0.94 -7.90 -3.78
N GLN A 117 2.19 -7.44 -3.79
CA GLN A 117 3.24 -7.99 -4.65
C GLN A 117 4.30 -8.61 -3.77
N HIS A 118 4.37 -9.94 -3.74
CA HIS A 118 5.25 -10.61 -2.80
C HIS A 118 6.71 -10.51 -3.21
N SER A 119 7.01 -10.81 -4.47
CA SER A 119 8.37 -10.82 -4.99
C SER A 119 8.42 -10.10 -6.32
N GLU A 120 9.43 -9.24 -6.49
CA GLU A 120 9.71 -8.56 -7.75
C GLU A 120 10.99 -9.07 -8.41
N HIS A 121 11.46 -10.27 -8.05
CA HIS A 121 12.70 -10.76 -8.64
C HIS A 121 12.52 -11.00 -10.13
N ARG A 122 11.29 -11.24 -10.56
CA ARG A 122 10.90 -11.16 -11.96
C ARG A 122 9.63 -10.35 -12.04
N THR A 123 9.53 -9.53 -13.07
CA THR A 123 8.39 -8.69 -13.34
C THR A 123 7.86 -9.02 -14.73
N PRO A 124 6.53 -8.92 -14.96
CA PRO A 124 5.50 -8.47 -14.01
C PRO A 124 5.19 -9.53 -12.95
N THR A 125 4.58 -9.12 -11.85
CA THR A 125 4.01 -10.07 -10.91
C THR A 125 2.66 -10.56 -11.44
N LYS A 126 2.12 -11.62 -10.82
CA LYS A 126 0.99 -12.37 -11.39
C LYS A 126 0.09 -12.88 -10.27
N GLY A 127 -1.21 -12.69 -10.39
CA GLY A 127 -2.13 -13.29 -9.44
C GLY A 127 -3.52 -12.69 -9.50
N GLY A 128 -4.49 -13.47 -8.95
CA GLY A 128 -5.89 -13.15 -9.16
C GLY A 128 -6.44 -12.06 -8.24
N ILE A 129 -7.71 -11.71 -8.47
CA ILE A 129 -8.43 -10.68 -7.71
C ILE A 129 -9.74 -11.26 -7.21
N ARG A 130 -9.95 -11.22 -5.91
CA ARG A 130 -11.16 -11.71 -5.27
C ARG A 130 -12.13 -10.56 -4.98
N TYR A 131 -13.43 -10.78 -5.24
CA TYR A 131 -14.50 -9.95 -4.68
C TYR A 131 -15.17 -10.80 -3.60
N SER A 132 -14.96 -10.44 -2.34
CA SER A 132 -15.45 -11.26 -1.24
C SER A 132 -15.38 -10.47 0.07
N LEU A 133 -16.34 -10.75 0.96
CA LEU A 133 -16.31 -10.11 2.28
C LEU A 133 -15.17 -10.62 3.16
N ASP A 134 -14.44 -11.66 2.75
CA ASP A 134 -13.35 -12.15 3.56
C ASP A 134 -11.98 -11.59 3.17
N VAL A 135 -11.90 -10.69 2.19
CA VAL A 135 -10.59 -10.18 1.82
C VAL A 135 -10.09 -9.25 2.91
N CYS A 136 -8.78 -9.32 3.18
CA CYS A 136 -8.10 -8.49 4.17
C CYS A 136 -6.62 -8.51 3.84
N GLU A 137 -5.88 -7.62 4.50
CA GLU A 137 -4.45 -7.49 4.20
C GLU A 137 -3.71 -8.81 4.41
N ASP A 138 -3.98 -9.49 5.52
CA ASP A 138 -3.28 -10.73 5.83
C ASP A 138 -3.52 -11.82 4.80
N GLU A 139 -4.71 -11.86 4.20
CA GLU A 139 -5.04 -12.91 3.25
C GLU A 139 -4.39 -12.66 1.89
N VAL A 140 -4.41 -11.41 1.40
CA VAL A 140 -3.72 -11.15 0.14
C VAL A 140 -2.20 -11.28 0.31
N LYS A 141 -1.68 -11.02 1.50
CA LYS A 141 -0.26 -11.26 1.76
C LYS A 141 0.10 -12.74 1.67
N ALA A 142 -0.64 -13.62 2.38
CA ALA A 142 -0.24 -15.02 2.43
C ALA A 142 -0.35 -15.71 1.07
N LEU A 143 -1.40 -15.39 0.31
CA LEU A 143 -1.61 -16.08 -0.95
C LEU A 143 -0.69 -15.54 -2.04
N SER A 144 -0.23 -14.28 -1.89
CA SER A 144 0.79 -13.74 -2.79
C SER A 144 2.13 -14.44 -2.58
N ALA A 145 2.48 -14.76 -1.34
CA ALA A 145 3.68 -15.57 -1.11
C ALA A 145 3.55 -16.94 -1.78
N LEU A 146 2.47 -17.67 -1.49
CA LEU A 146 2.26 -18.96 -2.14
C LEU A 146 2.39 -18.86 -3.65
N MET A 147 1.93 -17.73 -4.22
CA MET A 147 1.90 -17.59 -5.68
C MET A 147 3.31 -17.44 -6.25
N THR A 148 4.23 -16.79 -5.54
CA THR A 148 5.62 -16.76 -6.02
C THR A 148 6.15 -18.18 -6.20
N TYR A 149 5.92 -19.06 -5.21
CA TYR A 149 6.45 -20.42 -5.28
C TYR A 149 5.76 -21.26 -6.34
N LYS A 150 4.45 -21.04 -6.58
CA LYS A 150 3.78 -21.80 -7.64
C LYS A 150 4.26 -21.39 -9.02
N CYS A 151 4.52 -20.09 -9.23
CA CYS A 151 5.08 -19.68 -10.52
C CYS A 151 6.43 -20.33 -10.76
N ALA A 152 7.28 -20.35 -9.74
CA ALA A 152 8.57 -20.98 -9.91
C ALA A 152 8.41 -22.48 -10.20
N ALA A 153 7.39 -23.12 -9.61
CA ALA A 153 7.20 -24.55 -9.73
C ALA A 153 6.91 -24.97 -11.16
N VAL A 154 6.18 -24.13 -11.91
CA VAL A 154 5.86 -24.44 -13.30
C VAL A 154 6.67 -23.58 -14.25
N ASP A 155 7.84 -23.10 -13.82
CA ASP A 155 8.75 -22.40 -14.73
C ASP A 155 8.06 -21.25 -15.45
N VAL A 156 7.29 -20.46 -14.71
CA VAL A 156 6.60 -19.30 -15.27
C VAL A 156 7.26 -18.03 -14.74
N PRO A 157 7.79 -17.12 -15.62
CA PRO A 157 8.75 -16.08 -15.17
C PRO A 157 8.08 -14.84 -14.56
N PHE A 158 7.31 -15.05 -13.48
CA PHE A 158 6.59 -13.97 -12.81
C PHE A 158 6.77 -14.12 -11.32
N GLY A 159 6.96 -13.00 -10.62
CA GLY A 159 6.77 -12.99 -9.18
C GLY A 159 5.31 -13.09 -8.82
N GLY A 160 5.06 -13.37 -7.55
CA GLY A 160 3.70 -13.61 -7.07
C GLY A 160 3.02 -12.34 -6.59
N ALA A 161 1.72 -12.24 -6.88
CA ALA A 161 0.87 -11.13 -6.50
C ALA A 161 -0.47 -11.71 -6.13
N LYS A 162 -1.28 -10.93 -5.41
CA LYS A 162 -2.67 -11.28 -5.08
C LYS A 162 -3.42 -10.00 -4.74
N GLY A 163 -4.72 -9.99 -5.03
CA GLY A 163 -5.53 -8.81 -4.85
C GLY A 163 -6.94 -9.14 -4.37
N GLY A 164 -7.62 -8.11 -3.87
CA GLY A 164 -8.99 -8.30 -3.41
C GLY A 164 -9.80 -7.05 -3.14
N VAL A 165 -11.10 -7.12 -3.39
CA VAL A 165 -12.04 -6.04 -3.11
C VAL A 165 -13.03 -6.53 -2.07
N LYS A 166 -13.21 -5.76 -0.99
CA LYS A 166 -13.97 -6.23 0.18
C LYS A 166 -15.43 -5.87 0.00
N ILE A 167 -16.15 -6.74 -0.73
CA ILE A 167 -17.57 -6.58 -1.02
C ILE A 167 -18.21 -7.97 -1.14
N ASP A 168 -19.52 -8.03 -0.96
CA ASP A 168 -20.27 -9.21 -1.29
C ASP A 168 -20.87 -9.01 -2.68
N PRO A 169 -20.29 -9.59 -3.73
CA PRO A 169 -20.72 -9.24 -5.09
C PRO A 169 -22.19 -9.52 -5.36
N LYS A 170 -22.83 -10.45 -4.62
CA LYS A 170 -24.26 -10.72 -4.85
C LYS A 170 -25.15 -9.54 -4.44
N MET A 171 -24.71 -8.66 -3.55
CA MET A 171 -25.57 -7.55 -3.14
C MET A 171 -25.57 -6.37 -4.12
N TYR A 172 -24.92 -6.48 -5.29
CA TYR A 172 -24.76 -5.34 -6.19
C TYR A 172 -25.31 -5.68 -7.58
N THR A 173 -25.80 -4.66 -8.27
CA THR A 173 -26.25 -4.85 -9.65
C THR A 173 -25.05 -4.89 -10.61
N ASP A 174 -25.32 -5.36 -11.83
CA ASP A 174 -24.27 -5.39 -12.84
C ASP A 174 -23.68 -4.01 -13.12
N TYR A 175 -24.51 -2.97 -13.02
CA TYR A 175 -24.02 -1.62 -13.26
C TYR A 175 -23.06 -1.20 -12.15
N GLU A 176 -23.40 -1.53 -10.89
CA GLU A 176 -22.52 -1.20 -9.78
C GLU A 176 -21.23 -2.01 -9.80
N ILE A 177 -21.32 -3.31 -10.11
CA ILE A 177 -20.10 -4.10 -10.25
C ILE A 177 -19.16 -3.48 -11.29
N GLU A 178 -19.73 -3.04 -12.42
CA GLU A 178 -18.91 -2.43 -13.46
C GLU A 178 -18.21 -1.15 -12.99
N LYS A 179 -18.92 -0.28 -12.24
CA LYS A 179 -18.27 0.94 -11.76
C LYS A 179 -17.14 0.63 -10.78
N ILE A 180 -17.34 -0.36 -9.89
CA ILE A 180 -16.30 -0.75 -8.95
C ILE A 180 -15.08 -1.27 -9.70
N THR A 181 -15.34 -2.09 -10.74
CA THR A 181 -14.27 -2.74 -11.50
C THR A 181 -13.43 -1.74 -12.27
N ARG A 182 -14.07 -0.78 -12.95
CA ARG A 182 -13.31 0.24 -13.65
C ARG A 182 -12.51 1.12 -12.70
N ARG A 183 -13.02 1.38 -11.49
CA ARG A 183 -12.30 2.25 -10.56
C ARG A 183 -11.06 1.56 -10.00
N ILE A 184 -11.14 0.24 -9.73
CA ILE A 184 -9.91 -0.38 -9.20
C ILE A 184 -8.87 -0.45 -10.29
N ALA A 185 -9.28 -0.54 -11.56
CA ALA A 185 -8.33 -0.55 -12.66
C ALA A 185 -7.52 0.74 -12.69
N ILE A 186 -8.21 1.89 -12.66
CA ILE A 186 -7.53 3.19 -12.72
C ILE A 186 -6.60 3.37 -11.52
N GLU A 187 -7.14 3.18 -10.31
CA GLU A 187 -6.34 3.45 -9.12
C GLU A 187 -5.15 2.50 -9.01
N PHE A 188 -5.36 1.20 -9.28
CA PHE A 188 -4.21 0.27 -9.27
C PHE A 188 -3.18 0.66 -10.34
N ALA A 189 -3.64 1.03 -11.54
CA ALA A 189 -2.72 1.30 -12.63
C ALA A 189 -1.94 2.62 -12.42
N LYS A 190 -2.50 3.58 -11.69
CA LYS A 190 -1.77 4.83 -11.45
C LYS A 190 -0.52 4.59 -10.60
N LYS A 191 -0.55 3.60 -9.71
CA LYS A 191 0.54 3.34 -8.78
C LYS A 191 1.41 2.12 -9.15
N GLY A 192 1.27 1.58 -10.36
CA GLY A 192 2.10 0.45 -10.73
C GLY A 192 1.66 -0.90 -10.21
N PHE A 193 0.35 -1.08 -9.97
CA PHE A 193 -0.19 -2.36 -9.55
C PHE A 193 -1.13 -2.94 -10.62
N LEU A 194 -1.03 -2.42 -11.85
CA LEU A 194 -1.72 -2.99 -13.01
C LEU A 194 -0.98 -2.52 -14.24
N GLY A 195 -0.57 -3.46 -15.10
CA GLY A 195 0.04 -3.15 -16.37
C GLY A 195 0.85 -4.32 -16.91
N PRO A 196 0.99 -4.43 -18.24
CA PRO A 196 1.59 -5.65 -18.81
C PRO A 196 3.03 -5.90 -18.39
N GLY A 197 3.79 -4.87 -18.06
CA GLY A 197 5.15 -5.07 -17.62
C GLY A 197 5.35 -5.05 -16.13
N VAL A 198 4.33 -4.70 -15.33
CA VAL A 198 4.51 -4.51 -13.91
C VAL A 198 3.69 -5.48 -13.07
N ASP A 199 2.41 -5.71 -13.42
CA ASP A 199 1.54 -6.58 -12.59
C ASP A 199 0.33 -7.00 -13.41
N VAL A 200 0.11 -8.30 -13.54
CA VAL A 200 -0.88 -8.85 -14.48
C VAL A 200 -1.86 -9.72 -13.69
N PRO A 201 -3.09 -9.21 -13.42
CA PRO A 201 -4.07 -9.97 -12.61
C PRO A 201 -4.80 -11.08 -13.36
N ALA A 202 -5.87 -11.60 -12.76
CA ALA A 202 -6.56 -12.81 -13.21
C ALA A 202 -7.85 -12.97 -12.38
N PRO A 203 -8.80 -13.80 -12.84
CA PRO A 203 -10.02 -14.04 -12.05
C PRO A 203 -9.75 -14.86 -10.80
N ASP A 204 -10.71 -14.78 -9.88
CA ASP A 204 -10.70 -15.53 -8.63
C ASP A 204 -12.14 -15.59 -8.13
N MET A 205 -12.32 -16.05 -6.90
CA MET A 205 -13.65 -16.12 -6.30
C MET A 205 -14.36 -14.76 -6.39
N GLY A 206 -15.54 -14.75 -6.99
CA GLY A 206 -16.36 -13.56 -7.09
C GLY A 206 -16.10 -12.67 -8.29
N THR A 207 -15.14 -13.03 -9.14
CA THR A 207 -14.88 -12.34 -10.41
C THR A 207 -14.78 -13.37 -11.53
N GLY A 208 -14.95 -12.92 -12.76
CA GLY A 208 -14.86 -13.82 -13.89
C GLY A 208 -14.37 -13.08 -15.11
N GLU A 209 -14.61 -13.66 -16.30
CA GLU A 209 -14.05 -13.12 -17.53
C GLU A 209 -14.65 -11.76 -17.90
N ARG A 210 -15.90 -11.47 -17.53
CA ARG A 210 -16.45 -10.19 -17.96
C ARG A 210 -15.86 -9.02 -17.16
N GLU A 211 -15.55 -9.22 -15.87
CA GLU A 211 -14.80 -8.20 -15.14
C GLU A 211 -13.42 -7.99 -15.75
N MET A 212 -12.79 -9.09 -16.22
CA MET A 212 -11.46 -8.98 -16.82
C MET A 212 -11.51 -8.18 -18.11
N GLY A 213 -12.52 -8.39 -18.94
CA GLY A 213 -12.69 -7.55 -20.11
C GLY A 213 -12.83 -6.08 -19.76
N TRP A 214 -13.56 -5.77 -18.69
CA TRP A 214 -13.76 -4.37 -18.28
C TRP A 214 -12.45 -3.72 -17.84
N ILE A 215 -11.66 -4.44 -17.05
CA ILE A 215 -10.36 -3.93 -16.61
C ILE A 215 -9.45 -3.66 -17.80
N ALA A 216 -9.39 -4.62 -18.75
CA ALA A 216 -8.54 -4.43 -19.93
C ALA A 216 -8.99 -3.22 -20.76
N ASP A 217 -10.30 -3.03 -20.90
CA ASP A 217 -10.80 -1.88 -21.65
C ASP A 217 -10.53 -0.57 -20.89
N THR A 218 -10.67 -0.57 -19.57
CA THR A 218 -10.41 0.68 -18.85
C THR A 218 -8.94 1.06 -18.95
N TYR A 219 -8.04 0.08 -18.82
CA TYR A 219 -6.61 0.37 -18.88
C TYR A 219 -6.23 0.91 -20.25
N ALA A 220 -6.75 0.30 -21.32
CA ALA A 220 -6.37 0.69 -22.67
C ALA A 220 -6.83 2.11 -23.01
N GLN A 221 -7.96 2.56 -22.46
CA GLN A 221 -8.47 3.90 -22.76
C GLN A 221 -7.91 4.97 -21.83
N THR A 222 -7.31 4.62 -20.69
CA THR A 222 -6.82 5.65 -19.78
C THR A 222 -5.30 5.58 -19.57
N ILE A 223 -4.86 5.03 -18.44
CA ILE A 223 -3.44 5.01 -18.10
C ILE A 223 -2.61 4.36 -19.20
N GLY A 224 -3.18 3.35 -19.86
CA GLY A 224 -2.44 2.61 -20.86
C GLY A 224 -2.69 3.04 -22.29
N HIS A 225 -3.08 4.31 -22.50
CA HIS A 225 -3.54 4.69 -23.83
C HIS A 225 -2.44 4.70 -24.89
N LEU A 226 -1.16 4.82 -24.51
CA LEU A 226 -0.06 4.69 -25.47
C LEU A 226 0.65 3.33 -25.43
N ASP A 227 0.15 2.38 -24.65
CA ASP A 227 0.78 1.07 -24.47
C ASP A 227 0.41 0.14 -25.63
N ARG A 228 1.41 -0.28 -26.41
CA ARG A 228 1.13 -1.12 -27.58
C ARG A 228 0.60 -2.50 -27.21
N ASP A 229 0.76 -2.91 -25.96
CA ASP A 229 0.45 -4.25 -25.49
C ASP A 229 -0.60 -4.19 -24.39
N ALA A 230 -1.55 -3.25 -24.51
CA ALA A 230 -2.49 -3.00 -23.42
C ALA A 230 -3.29 -4.26 -23.06
N SER A 231 -3.74 -5.02 -24.05
CA SER A 231 -4.57 -6.19 -23.75
C SER A 231 -3.81 -7.26 -22.96
N ALA A 232 -2.49 -7.12 -22.80
CA ALA A 232 -1.71 -8.02 -21.95
C ALA A 232 -1.65 -7.59 -20.48
N CYS A 233 -2.45 -6.60 -20.08
CA CYS A 233 -2.40 -6.15 -18.69
C CYS A 233 -3.08 -7.11 -17.74
N ILE A 234 -3.90 -8.04 -18.25
CA ILE A 234 -4.68 -8.96 -17.44
C ILE A 234 -4.96 -10.22 -18.25
N THR A 235 -5.15 -11.35 -17.56
CA THR A 235 -5.48 -12.63 -18.18
C THR A 235 -6.83 -13.13 -17.67
N GLY A 236 -7.34 -14.20 -18.28
CA GLY A 236 -8.73 -14.58 -18.06
C GLY A 236 -9.76 -13.83 -18.88
N LYS A 237 -9.33 -13.10 -19.93
CA LYS A 237 -10.22 -12.27 -20.72
C LYS A 237 -11.16 -13.11 -21.60
N PRO A 238 -12.27 -12.54 -22.05
CA PRO A 238 -13.08 -13.23 -23.06
C PRO A 238 -12.24 -13.42 -24.31
N ILE A 239 -12.56 -14.49 -25.08
CA ILE A 239 -11.80 -14.80 -26.30
C ILE A 239 -11.75 -13.59 -27.24
N VAL A 240 -12.88 -12.91 -27.42
CA VAL A 240 -12.93 -11.83 -28.41
C VAL A 240 -11.96 -10.71 -28.02
N ALA A 241 -11.65 -10.56 -26.73
CA ALA A 241 -10.78 -9.50 -26.23
C ALA A 241 -9.33 -9.95 -26.05
N GLY A 242 -8.95 -11.12 -26.57
CA GLY A 242 -7.61 -11.63 -26.37
C GLY A 242 -7.44 -12.76 -25.37
N GLY A 243 -8.52 -13.29 -24.80
CA GLY A 243 -8.41 -14.51 -24.01
C GLY A 243 -7.94 -15.68 -24.86
N ILE A 244 -7.60 -16.78 -24.18
CA ILE A 244 -6.97 -17.94 -24.80
C ILE A 244 -7.87 -19.17 -24.67
N HIS A 245 -8.00 -19.93 -25.76
CA HIS A 245 -8.72 -21.20 -25.72
C HIS A 245 -8.00 -22.20 -24.80
N GLY A 246 -8.78 -22.93 -24.00
CA GLY A 246 -8.24 -23.91 -23.09
C GLY A 246 -8.05 -23.48 -21.65
N ARG A 247 -8.49 -22.26 -21.29
CA ARG A 247 -8.27 -21.73 -19.93
C ARG A 247 -9.23 -22.34 -18.91
N VAL A 248 -10.49 -22.55 -19.31
CA VAL A 248 -11.54 -22.96 -18.36
C VAL A 248 -11.17 -24.28 -17.66
N SER A 249 -10.72 -25.27 -18.42
CA SER A 249 -10.47 -26.59 -17.84
C SER A 249 -9.03 -26.78 -17.36
N ALA A 250 -8.21 -25.73 -17.37
CA ALA A 250 -6.76 -25.90 -17.28
C ALA A 250 -6.33 -26.36 -15.89
N THR A 251 -6.92 -25.83 -14.82
CA THR A 251 -6.51 -26.27 -13.49
C THR A 251 -6.86 -27.74 -13.26
N GLY A 252 -8.03 -28.17 -13.73
CA GLY A 252 -8.37 -29.58 -13.64
C GLY A 252 -7.46 -30.46 -14.47
N ARG A 253 -7.14 -30.03 -15.70
CA ARG A 253 -6.24 -30.83 -16.54
C ARG A 253 -4.87 -30.98 -15.90
N GLY A 254 -4.46 -30.00 -15.10
CA GLY A 254 -3.20 -30.11 -14.40
C GLY A 254 -3.22 -31.00 -13.19
N VAL A 255 -4.38 -31.11 -12.51
CA VAL A 255 -4.51 -32.08 -11.43
C VAL A 255 -4.43 -33.51 -11.97
N TRP A 256 -5.12 -33.78 -13.09
CA TRP A 256 -5.03 -35.10 -13.71
C TRP A 256 -3.59 -35.42 -14.11
N LYS A 257 -2.90 -34.49 -14.78
CA LYS A 257 -1.55 -34.77 -15.24
C LYS A 257 -0.58 -34.95 -14.08
N GLY A 258 -0.83 -34.28 -12.94
CA GLY A 258 0.03 -34.47 -11.78
C GLY A 258 -0.13 -35.83 -11.14
N LEU A 259 -1.36 -36.34 -11.06
CA LEU A 259 -1.57 -37.71 -10.58
C LEU A 259 -0.93 -38.72 -11.51
N GLU A 260 -1.06 -38.52 -12.82
CA GLU A 260 -0.48 -39.44 -13.80
C GLU A 260 1.04 -39.53 -13.67
N VAL A 261 1.72 -38.41 -13.37
CA VAL A 261 3.17 -38.46 -13.19
C VAL A 261 3.53 -39.35 -12.00
N PHE A 262 2.74 -39.29 -10.94
CA PHE A 262 3.03 -40.08 -9.74
C PHE A 262 2.46 -41.50 -9.81
N ALA A 263 1.36 -41.73 -10.55
CA ALA A 263 0.79 -43.07 -10.63
C ALA A 263 1.63 -44.04 -11.47
N LYS A 264 2.49 -43.53 -12.34
CA LYS A 264 3.35 -44.40 -13.15
C LYS A 264 4.59 -44.88 -12.41
N GLU A 265 4.79 -44.46 -11.16
CA GLU A 265 6.01 -44.78 -10.42
C GLU A 265 5.76 -45.95 -9.50
N PRO A 266 6.32 -47.14 -9.77
CA PRO A 266 6.03 -48.29 -8.90
C PRO A 266 6.63 -48.18 -7.51
N GLU A 267 7.83 -47.62 -7.39
CA GLU A 267 8.45 -47.46 -6.08
C GLU A 267 7.51 -46.79 -5.08
N TYR A 268 6.78 -45.76 -5.51
CA TYR A 268 5.89 -45.05 -4.60
C TYR A 268 4.53 -45.74 -4.49
N MET A 269 3.99 -46.21 -5.61
CA MET A 269 2.69 -46.88 -5.56
C MET A 269 2.74 -48.13 -4.70
N GLU A 270 3.89 -48.80 -4.63
CA GLU A 270 3.96 -49.99 -3.79
C GLU A 270 4.05 -49.64 -2.32
N LYS A 271 4.79 -48.58 -1.98
CA LYS A 271 4.91 -48.18 -0.57
C LYS A 271 3.55 -47.86 0.02
N ILE A 272 2.60 -47.40 -0.79
CA ILE A 272 1.27 -47.02 -0.30
C ILE A 272 0.21 -48.06 -0.59
N GLY A 273 0.58 -49.22 -1.15
CA GLY A 273 -0.37 -50.30 -1.37
C GLY A 273 -1.28 -50.12 -2.56
N LEU A 274 -0.72 -49.72 -3.70
CA LEU A 274 -1.49 -49.49 -4.92
C LEU A 274 -0.69 -50.06 -6.09
N THR A 275 -1.40 -50.31 -7.23
CA THR A 275 -0.81 -50.73 -8.49
C THR A 275 -0.69 -49.52 -9.43
N PRO A 276 0.27 -49.53 -10.36
CA PRO A 276 0.46 -48.38 -11.23
C PRO A 276 -0.79 -47.98 -12.01
N GLY A 277 -0.89 -46.69 -12.32
CA GLY A 277 -1.82 -46.18 -13.30
C GLY A 277 -3.12 -45.68 -12.69
N LEU A 278 -3.82 -44.84 -13.47
CA LEU A 278 -5.11 -44.29 -13.05
C LEU A 278 -6.33 -45.15 -13.40
N PRO A 279 -6.35 -45.94 -14.48
CA PRO A 279 -7.54 -46.78 -14.73
C PRO A 279 -7.84 -47.69 -13.55
N GLY A 280 -9.09 -47.65 -13.09
CA GLY A 280 -9.57 -48.50 -12.01
C GLY A 280 -9.57 -47.86 -10.63
N LYS A 281 -8.69 -46.88 -10.39
CA LYS A 281 -8.58 -46.27 -9.06
C LYS A 281 -9.87 -45.56 -8.69
N THR A 282 -10.22 -45.62 -7.40
CA THR A 282 -11.42 -44.95 -6.89
C THR A 282 -11.07 -43.58 -6.33
N VAL A 283 -11.96 -42.60 -6.55
CA VAL A 283 -11.65 -41.19 -6.28
C VAL A 283 -12.83 -40.56 -5.55
N ILE A 284 -12.53 -39.87 -4.45
CA ILE A 284 -13.49 -39.02 -3.75
C ILE A 284 -13.02 -37.58 -3.84
N ILE A 285 -13.93 -36.67 -4.17
CA ILE A 285 -13.63 -35.28 -4.48
C ILE A 285 -14.39 -34.38 -3.51
N GLN A 286 -13.68 -33.54 -2.76
CA GLN A 286 -14.32 -32.58 -1.86
C GLN A 286 -14.51 -31.24 -2.56
N GLY A 287 -15.68 -31.05 -3.17
CA GLY A 287 -16.02 -29.78 -3.80
C GLY A 287 -16.45 -29.93 -5.24
N PHE A 288 -17.49 -29.21 -5.65
CA PHE A 288 -17.98 -29.38 -7.01
C PHE A 288 -18.03 -28.03 -7.73
N GLY A 289 -17.04 -27.19 -7.46
CA GLY A 289 -16.84 -25.96 -8.22
C GLY A 289 -16.14 -26.24 -9.55
N ASN A 290 -15.54 -25.18 -10.10
CA ASN A 290 -14.82 -25.31 -11.36
C ASN A 290 -13.77 -26.41 -11.27
N VAL A 291 -12.96 -26.39 -10.20
CA VAL A 291 -11.82 -27.30 -10.13
C VAL A 291 -12.28 -28.73 -9.90
N GLY A 292 -13.25 -28.93 -9.02
CA GLY A 292 -13.72 -30.28 -8.73
C GLY A 292 -14.42 -30.91 -9.93
N LEU A 293 -15.21 -30.13 -10.64
CA LEU A 293 -15.99 -30.67 -11.75
C LEU A 293 -15.09 -31.02 -12.94
N HIS A 294 -14.13 -30.15 -13.27
CA HIS A 294 -13.25 -30.46 -14.40
C HIS A 294 -12.28 -31.58 -14.06
N THR A 295 -11.85 -31.69 -12.79
CA THR A 295 -11.01 -32.82 -12.39
C THR A 295 -11.78 -34.13 -12.51
N MET A 296 -13.07 -34.10 -12.16
CA MET A 296 -13.90 -35.30 -12.31
C MET A 296 -13.99 -35.72 -13.77
N ARG A 297 -14.21 -34.77 -14.69
CA ARG A 297 -14.25 -35.07 -16.12
C ARG A 297 -12.96 -35.74 -16.60
N TYR A 298 -11.80 -35.18 -16.25
CA TYR A 298 -10.54 -35.77 -16.74
C TYR A 298 -10.25 -37.13 -16.10
N LEU A 299 -10.55 -37.29 -14.81
CA LEU A 299 -10.26 -38.55 -14.15
C LEU A 299 -11.19 -39.65 -14.63
N HIS A 300 -12.46 -39.32 -14.89
CA HIS A 300 -13.38 -40.27 -15.50
C HIS A 300 -12.91 -40.67 -16.89
N ARG A 301 -12.53 -39.70 -17.71
CA ARG A 301 -12.07 -40.03 -19.06
C ARG A 301 -10.80 -40.87 -19.02
N ALA A 302 -10.00 -40.73 -17.97
CA ALA A 302 -8.77 -41.50 -17.80
C ALA A 302 -9.00 -42.92 -17.31
N GLY A 303 -10.24 -43.32 -17.03
CA GLY A 303 -10.54 -44.66 -16.54
C GLY A 303 -10.68 -44.82 -15.04
N SER A 304 -10.67 -43.73 -14.28
CA SER A 304 -10.84 -43.82 -12.83
C SER A 304 -12.32 -43.87 -12.46
N LYS A 305 -12.61 -44.34 -11.25
CA LYS A 305 -13.99 -44.41 -10.76
C LYS A 305 -14.17 -43.35 -9.68
N VAL A 306 -15.01 -42.35 -9.96
CA VAL A 306 -15.29 -41.28 -9.00
C VAL A 306 -16.48 -41.73 -8.17
N VAL A 307 -16.21 -42.24 -6.96
CA VAL A 307 -17.25 -42.85 -6.14
C VAL A 307 -17.92 -41.89 -5.17
N GLY A 308 -17.41 -40.66 -5.03
CA GLY A 308 -17.98 -39.76 -4.04
C GLY A 308 -17.72 -38.29 -4.27
N ILE A 309 -18.78 -37.49 -4.15
CA ILE A 309 -18.69 -36.03 -4.22
C ILE A 309 -19.26 -35.49 -2.91
N GLN A 310 -18.46 -34.72 -2.18
CA GLN A 310 -18.88 -34.09 -0.93
C GLN A 310 -18.88 -32.58 -1.10
N GLU A 311 -20.05 -31.96 -0.87
CA GLU A 311 -20.23 -30.51 -1.00
C GLU A 311 -20.37 -29.86 0.38
N TRP A 312 -20.81 -28.59 0.40
CA TRP A 312 -20.84 -27.86 1.66
C TRP A 312 -22.08 -28.19 2.49
N ASP A 313 -23.17 -28.60 1.86
CA ASP A 313 -24.39 -28.95 2.57
C ASP A 313 -24.90 -30.37 2.33
N CYS A 314 -24.35 -31.10 1.35
CA CYS A 314 -24.80 -32.47 1.08
C CYS A 314 -23.70 -33.26 0.38
N ALA A 315 -23.81 -34.58 0.47
CA ALA A 315 -22.88 -35.48 -0.20
C ALA A 315 -23.68 -36.56 -0.93
N ILE A 316 -23.06 -37.16 -1.94
CA ILE A 316 -23.65 -38.27 -2.68
C ILE A 316 -22.54 -39.30 -2.90
N HIS A 317 -22.94 -40.53 -3.20
CA HIS A 317 -21.96 -41.57 -3.49
C HIS A 317 -22.62 -42.69 -4.29
N ASN A 318 -21.76 -43.60 -4.76
CA ASN A 318 -22.07 -44.67 -5.70
C ASN A 318 -20.79 -45.47 -5.92
N PRO A 319 -20.70 -46.70 -5.42
CA PRO A 319 -19.44 -47.45 -5.52
C PRO A 319 -19.10 -47.91 -6.94
N ALA A 320 -20.03 -47.77 -7.88
CA ALA A 320 -19.81 -48.09 -9.29
C ALA A 320 -19.32 -46.90 -10.09
N GLY A 321 -19.34 -45.71 -9.52
CA GLY A 321 -18.93 -44.52 -10.22
C GLY A 321 -20.11 -43.63 -10.57
N ILE A 322 -19.83 -42.34 -10.72
CA ILE A 322 -20.82 -41.33 -11.05
C ILE A 322 -20.45 -40.77 -12.42
N HIS A 323 -21.44 -40.59 -13.29
CA HIS A 323 -21.17 -40.07 -14.63
CA HIS A 323 -21.17 -40.07 -14.63
C HIS A 323 -21.13 -38.55 -14.61
N PRO A 324 -20.01 -37.92 -15.00
CA PRO A 324 -19.91 -36.46 -14.89
C PRO A 324 -20.99 -35.68 -15.60
N LYS A 325 -21.34 -36.04 -16.86
CA LYS A 325 -22.25 -35.20 -17.63
C LYS A 325 -23.67 -35.22 -17.04
N GLU A 326 -24.07 -36.34 -16.46
CA GLU A 326 -25.41 -36.41 -15.89
C GLU A 326 -25.49 -35.64 -14.57
N LEU A 327 -24.48 -35.79 -13.71
CA LEU A 327 -24.43 -35.05 -12.46
C LEU A 327 -24.46 -33.54 -12.69
N GLU A 328 -23.60 -33.05 -13.59
CA GLU A 328 -23.59 -31.63 -13.90
C GLU A 328 -24.94 -31.16 -14.45
N ASP A 329 -25.58 -31.99 -15.29
CA ASP A 329 -26.89 -31.66 -15.81
C ASP A 329 -27.92 -31.54 -14.69
N TRP A 330 -27.92 -32.49 -13.76
CA TRP A 330 -28.91 -32.49 -12.68
C TRP A 330 -28.78 -31.24 -11.82
N ARG A 331 -27.58 -30.98 -11.30
CA ARG A 331 -27.38 -29.76 -10.52
C ARG A 331 -27.77 -28.53 -11.33
N ASP A 332 -27.56 -28.55 -12.65
CA ASP A 332 -27.90 -27.41 -13.49
C ASP A 332 -29.40 -27.14 -13.48
N GLN A 333 -30.21 -28.19 -13.37
CA GLN A 333 -31.66 -28.06 -13.45
C GLN A 333 -32.32 -27.90 -12.09
N THR A 334 -31.91 -28.69 -11.08
CA THR A 334 -32.53 -28.64 -9.77
C THR A 334 -31.90 -27.63 -8.84
N GLY A 335 -30.63 -27.29 -9.06
CA GLY A 335 -29.91 -26.36 -8.21
C GLY A 335 -28.95 -27.01 -7.23
N SER A 336 -28.90 -28.33 -7.17
CA SER A 336 -28.00 -29.00 -6.24
C SER A 336 -27.68 -30.39 -6.76
N ILE A 337 -26.61 -30.97 -6.20
CA ILE A 337 -26.28 -32.37 -6.46
C ILE A 337 -27.10 -33.33 -5.62
N LYS A 338 -27.94 -32.82 -4.74
CA LYS A 338 -28.76 -33.67 -3.87
C LYS A 338 -29.83 -34.37 -4.68
N ASN A 339 -30.09 -35.64 -4.33
CA ASN A 339 -31.10 -36.47 -5.01
C ASN A 339 -30.76 -36.68 -6.49
N PHE A 340 -29.48 -36.81 -6.78
CA PHE A 340 -29.06 -37.20 -8.12
C PHE A 340 -29.56 -38.61 -8.39
N PRO A 341 -30.34 -38.83 -9.46
CA PRO A 341 -30.80 -40.19 -9.76
C PRO A 341 -29.68 -41.21 -9.92
N GLY A 342 -28.50 -40.78 -10.36
CA GLY A 342 -27.43 -41.74 -10.63
C GLY A 342 -26.55 -42.04 -9.43
N ALA A 343 -27.07 -41.88 -8.23
CA ALA A 343 -26.32 -42.10 -6.99
C ALA A 343 -27.30 -41.98 -5.83
N LYS A 344 -26.81 -42.24 -4.62
CA LYS A 344 -27.57 -42.09 -3.39
C LYS A 344 -27.00 -40.96 -2.54
N ASN A 345 -27.86 -40.31 -1.74
CA ASN A 345 -27.38 -39.34 -0.76
C ASN A 345 -26.65 -40.07 0.36
N PHE A 346 -25.76 -39.34 1.06
CA PHE A 346 -24.84 -39.93 2.02
C PHE A 346 -25.00 -39.34 3.43
N GLU A 347 -25.04 -40.24 4.47
CA GLU A 347 -25.07 -40.04 5.93
C GLU A 347 -24.17 -38.88 6.30
N PRO A 348 -24.45 -38.12 7.41
CA PRO A 348 -23.64 -36.92 7.74
C PRO A 348 -22.59 -36.55 6.71
N PHE A 349 -23.08 -35.68 5.81
CA PHE A 349 -22.45 -35.38 4.55
C PHE A 349 -21.00 -34.95 4.72
N GLY A 350 -20.66 -34.36 5.85
CA GLY A 350 -19.31 -33.90 6.12
C GLY A 350 -18.30 -34.98 6.43
N ASP A 351 -18.69 -36.25 6.38
CA ASP A 351 -17.80 -37.35 6.72
C ASP A 351 -17.44 -38.23 5.53
N LEU A 352 -17.87 -37.86 4.32
CA LEU A 352 -17.55 -38.66 3.15
C LEU A 352 -16.05 -38.73 2.89
N ILE A 353 -15.29 -37.68 3.25
CA ILE A 353 -13.85 -37.65 2.98
C ILE A 353 -13.05 -38.57 3.89
N TYR A 354 -13.67 -39.24 4.85
CA TYR A 354 -12.95 -40.21 5.67
C TYR A 354 -13.12 -41.65 5.19
N GLU A 355 -13.96 -41.88 4.16
CA GLU A 355 -14.18 -43.22 3.63
C GLU A 355 -12.98 -43.71 2.82
N ALA A 356 -12.82 -45.03 2.78
CA ALA A 356 -11.71 -45.62 2.04
C ALA A 356 -11.81 -45.26 0.55
N CYS A 357 -10.66 -44.95 -0.03
CA CYS A 357 -10.51 -44.65 -1.45
C CYS A 357 -9.03 -44.71 -1.76
N ASP A 358 -8.72 -44.75 -3.05
CA ASP A 358 -7.33 -44.65 -3.47
C ASP A 358 -6.86 -43.19 -3.51
N ILE A 359 -7.73 -42.29 -3.96
CA ILE A 359 -7.37 -40.89 -4.20
C ILE A 359 -8.43 -39.99 -3.57
N LEU A 360 -8.00 -39.04 -2.75
CA LEU A 360 -8.85 -37.98 -2.23
C LEU A 360 -8.42 -36.64 -2.84
N VAL A 361 -9.36 -35.88 -3.38
CA VAL A 361 -9.04 -34.60 -3.97
C VAL A 361 -9.65 -33.44 -3.19
N PRO A 362 -8.94 -32.87 -2.21
CA PRO A 362 -9.45 -31.65 -1.54
C PRO A 362 -9.56 -30.49 -2.52
N ALA A 363 -10.78 -30.04 -2.83
CA ALA A 363 -10.95 -28.98 -3.80
C ALA A 363 -11.89 -27.92 -3.26
N ALA A 364 -11.79 -27.62 -1.96
CA ALA A 364 -12.72 -26.64 -1.39
C ALA A 364 -11.97 -25.56 -0.62
N CYS A 365 -12.09 -25.55 0.70
CA CYS A 365 -11.53 -24.50 1.55
C CYS A 365 -10.18 -24.93 2.11
N GLU A 366 -9.47 -23.96 2.68
CA GLU A 366 -8.16 -24.24 3.23
C GLU A 366 -8.30 -24.90 4.60
N LYS A 367 -7.26 -25.66 4.97
CA LYS A 367 -7.17 -26.34 6.27
C LYS A 367 -8.31 -27.35 6.47
N ALA A 368 -8.80 -27.95 5.39
CA ALA A 368 -9.83 -28.99 5.50
C ALA A 368 -9.29 -30.25 6.17
N ILE A 369 -7.98 -30.42 6.23
CA ILE A 369 -7.33 -31.53 6.94
C ILE A 369 -6.42 -30.92 7.99
N HIS A 370 -6.70 -31.20 9.26
CA HIS A 370 -5.96 -30.60 10.35
C HIS A 370 -5.60 -31.69 11.36
N LYS A 371 -5.20 -31.26 12.56
CA LYS A 371 -4.70 -32.19 13.58
C LYS A 371 -5.79 -33.12 14.09
N GLU A 372 -7.02 -32.62 14.25
CA GLU A 372 -8.10 -33.37 14.90
C GLU A 372 -8.81 -34.35 13.98
N ASN A 373 -8.45 -34.40 12.69
CA ASN A 373 -9.15 -35.30 11.78
C ASN A 373 -8.20 -35.98 10.79
N ALA A 374 -6.89 -35.78 10.91
CA ALA A 374 -5.95 -36.38 9.96
C ALA A 374 -5.99 -37.89 10.04
N GLY A 375 -6.04 -38.46 11.25
CA GLY A 375 -6.02 -39.90 11.39
C GLY A 375 -7.20 -40.59 10.74
N ARG A 376 -8.35 -39.92 10.73
CA ARG A 376 -9.56 -40.44 10.10
C ARG A 376 -9.46 -40.55 8.57
N ILE A 377 -8.36 -40.07 7.95
CA ILE A 377 -8.21 -40.07 6.49
C ILE A 377 -7.65 -41.43 6.05
N GLN A 378 -8.34 -42.07 5.11
CA GLN A 378 -7.93 -43.39 4.66
C GLN A 378 -7.36 -43.43 3.25
N ALA A 379 -7.45 -42.33 2.51
CA ALA A 379 -6.92 -42.30 1.15
C ALA A 379 -5.41 -42.54 1.14
N LYS A 380 -4.94 -43.21 0.09
CA LYS A 380 -3.52 -43.47 -0.12
C LYS A 380 -2.81 -42.34 -0.84
N ILE A 381 -3.52 -41.59 -1.69
CA ILE A 381 -2.98 -40.42 -2.36
C ILE A 381 -3.88 -39.25 -2.08
N ILE A 382 -3.30 -38.11 -1.72
CA ILE A 382 -4.03 -36.86 -1.57
C ILE A 382 -3.48 -35.90 -2.62
N ALA A 383 -4.34 -35.40 -3.48
CA ALA A 383 -3.96 -34.47 -4.55
C ALA A 383 -4.59 -33.12 -4.20
N GLU A 384 -3.76 -32.18 -3.72
CA GLU A 384 -4.26 -30.92 -3.17
C GLU A 384 -4.69 -29.99 -4.30
N ALA A 385 -5.96 -30.09 -4.71
CA ALA A 385 -6.51 -29.20 -5.74
C ALA A 385 -7.02 -27.88 -5.16
N ALA A 386 -6.49 -27.45 -4.02
CA ALA A 386 -6.91 -26.22 -3.37
C ALA A 386 -5.70 -25.64 -2.67
N ASN A 387 -5.77 -24.36 -2.34
CA ASN A 387 -4.67 -23.74 -1.62
C ASN A 387 -4.62 -24.26 -0.19
N GLY A 388 -3.45 -24.75 0.21
CA GLY A 388 -3.18 -25.25 1.55
C GLY A 388 -4.32 -25.95 2.27
N PRO A 389 -4.83 -27.05 1.72
CA PRO A 389 -5.86 -27.81 2.43
C PRO A 389 -5.34 -28.69 3.56
N THR A 390 -4.02 -28.77 3.76
CA THR A 390 -3.42 -29.62 4.79
C THR A 390 -2.50 -28.80 5.67
N THR A 391 -2.82 -28.72 6.96
CA THR A 391 -1.99 -27.98 7.90
C THR A 391 -0.71 -28.78 8.19
N PRO A 392 0.31 -28.11 8.75
CA PRO A 392 1.57 -28.81 9.07
C PRO A 392 1.41 -29.92 10.10
N ALA A 393 0.47 -29.78 11.05
CA ALA A 393 0.24 -30.86 12.00
C ALA A 393 -0.26 -32.11 11.30
N ALA A 394 -1.28 -31.96 10.46
CA ALA A 394 -1.85 -33.08 9.71
C ALA A 394 -0.84 -33.68 8.74
N ASP A 395 -0.12 -32.83 8.01
CA ASP A 395 0.93 -33.28 7.10
C ASP A 395 1.94 -34.17 7.81
N LYS A 396 2.26 -33.86 9.08
CA LYS A 396 3.22 -34.64 9.85
C LYS A 396 2.61 -35.94 10.38
N ILE A 397 1.36 -35.89 10.86
CA ILE A 397 0.70 -37.12 11.32
C ILE A 397 0.63 -38.12 10.18
N LEU A 398 0.42 -37.64 8.95
CA LEU A 398 0.24 -38.53 7.80
C LEU A 398 1.57 -38.99 7.21
N LEU A 399 2.62 -38.18 7.36
CA LEU A 399 3.96 -38.64 6.96
C LEU A 399 4.46 -39.74 7.90
N GLU A 400 4.12 -39.65 9.19
CA GLU A 400 4.55 -40.66 10.15
C GLU A 400 3.83 -41.98 9.95
N ARG A 401 2.56 -41.94 9.55
CA ARG A 401 1.82 -43.16 9.27
C ARG A 401 2.41 -43.95 8.11
N GLY A 402 3.26 -43.32 7.28
CA GLY A 402 4.07 -44.01 6.30
C GLY A 402 3.36 -44.51 5.07
N ASN A 403 2.05 -44.32 4.93
CA ASN A 403 1.29 -44.99 3.87
C ASN A 403 0.47 -44.01 3.04
N CYS A 404 0.88 -42.75 2.96
CA CYS A 404 0.03 -41.71 2.36
C CYS A 404 0.92 -40.71 1.62
N LEU A 405 0.64 -40.53 0.33
CA LEU A 405 1.45 -39.69 -0.55
C LEU A 405 0.66 -38.42 -0.88
N ILE A 406 1.11 -37.28 -0.38
CA ILE A 406 0.49 -35.99 -0.63
C ILE A 406 1.19 -35.32 -1.80
N ILE A 407 0.45 -34.98 -2.85
CA ILE A 407 1.00 -34.24 -3.98
C ILE A 407 0.74 -32.75 -3.75
N PRO A 408 1.79 -31.93 -3.61
CA PRO A 408 1.60 -30.58 -3.00
C PRO A 408 0.85 -29.60 -3.90
N ASP A 409 0.02 -28.78 -3.25
CA ASP A 409 -0.80 -27.80 -3.96
C ASP A 409 0.03 -26.86 -4.83
N MET A 410 1.16 -26.34 -4.33
CA MET A 410 1.87 -25.38 -5.15
C MET A 410 2.40 -25.98 -6.45
N TYR A 411 2.34 -27.29 -6.61
CA TYR A 411 2.62 -27.92 -7.89
C TYR A 411 1.35 -28.36 -8.61
N VAL A 412 0.53 -29.20 -7.96
CA VAL A 412 -0.53 -29.91 -8.66
C VAL A 412 -1.74 -29.03 -9.01
N ASN A 413 -1.99 -27.90 -8.32
CA ASN A 413 -3.07 -27.03 -8.80
C ASN A 413 -2.52 -25.75 -9.43
N SER A 414 -1.40 -25.88 -10.13
CA SER A 414 -0.77 -24.78 -10.85
C SER A 414 -0.94 -24.88 -12.37
N GLY A 415 -1.85 -25.75 -12.86
CA GLY A 415 -2.08 -25.82 -14.30
C GLY A 415 -2.62 -24.52 -14.88
N GLY A 416 -3.52 -23.86 -14.17
CA GLY A 416 -4.04 -22.59 -14.66
C GLY A 416 -3.00 -21.48 -14.69
N VAL A 417 -1.99 -21.55 -13.82
CA VAL A 417 -0.90 -20.57 -13.86
C VAL A 417 -0.09 -20.72 -15.14
N THR A 418 0.09 -21.95 -15.62
CA THR A 418 0.86 -22.15 -16.85
C THR A 418 0.14 -21.53 -18.04
N VAL A 419 -1.15 -21.77 -18.17
CA VAL A 419 -1.93 -21.28 -19.30
C VAL A 419 -2.12 -19.76 -19.23
N SER A 420 -2.15 -19.16 -18.02
CA SER A 420 -2.18 -17.71 -17.96
C SER A 420 -0.89 -17.08 -18.48
N TYR A 421 0.25 -17.78 -18.33
CA TYR A 421 1.49 -17.33 -18.98
C TYR A 421 1.35 -17.39 -20.49
N PHE A 422 0.69 -18.43 -21.04
CA PHE A 422 0.49 -18.48 -22.49
C PHE A 422 -0.44 -17.37 -22.98
N GLU A 423 -1.48 -16.99 -22.20
CA GLU A 423 -2.35 -15.91 -22.63
C GLU A 423 -1.58 -14.57 -22.67
N TRP A 424 -0.70 -14.33 -21.70
CA TRP A 424 0.10 -13.11 -21.74
C TRP A 424 0.99 -13.08 -22.97
N LEU A 425 1.70 -14.18 -23.22
CA LEU A 425 2.47 -14.35 -24.45
C LEU A 425 1.65 -14.06 -25.69
N LYS A 426 0.44 -14.60 -25.76
CA LYS A 426 -0.40 -14.39 -26.93
C LYS A 426 -0.70 -12.90 -27.13
N ASN A 427 -1.01 -12.19 -26.05
CA ASN A 427 -1.27 -10.76 -26.25
C ASN A 427 -0.01 -10.01 -26.64
N LEU A 428 1.17 -10.44 -26.18
CA LEU A 428 2.38 -9.80 -26.67
C LEU A 428 2.69 -10.17 -28.12
N ASN A 429 2.34 -11.40 -28.55
CA ASN A 429 2.60 -11.76 -29.95
C ASN A 429 1.63 -11.08 -30.91
N HIS A 430 0.47 -10.63 -30.42
CA HIS A 430 -0.59 -10.02 -31.24
C HIS A 430 -1.16 -10.98 -32.31
N VAL A 431 -1.06 -12.29 -32.08
CA VAL A 431 -1.64 -13.28 -33.00
C VAL A 431 -1.95 -14.55 -32.22
N SER A 432 -2.97 -15.29 -32.68
CA SER A 432 -3.32 -16.52 -31.98
C SER A 432 -2.38 -17.66 -32.39
N TYR A 433 -2.17 -18.60 -31.47
CA TYR A 433 -1.24 -19.70 -31.73
C TYR A 433 -1.77 -20.57 -32.86
N GLY A 434 -0.90 -20.88 -33.82
CA GLY A 434 -1.26 -21.74 -34.94
C GLY A 434 -1.78 -21.04 -36.18
N ARG A 435 -2.02 -19.72 -36.11
CA ARG A 435 -2.57 -18.98 -37.25
C ARG A 435 -1.67 -19.08 -38.49
N LEU A 436 -0.36 -19.06 -38.28
CA LEU A 436 0.56 -19.13 -39.41
C LEU A 436 1.25 -20.49 -39.53
N SER A 437 0.69 -21.56 -38.96
CA SER A 437 1.37 -22.85 -39.08
C SER A 437 0.46 -24.05 -39.32
N PHE A 438 -0.85 -23.98 -39.02
CA PHE A 438 -1.73 -25.15 -39.13
C PHE A 438 -1.78 -25.69 -40.55
N LYS A 439 -1.93 -24.80 -41.55
CA LYS A 439 -2.02 -25.29 -42.93
C LYS A 439 -0.66 -25.68 -43.49
N TYR A 440 0.38 -24.91 -43.17
CA TYR A 440 1.74 -25.24 -43.60
C TYR A 440 2.19 -26.62 -43.08
N GLU A 441 1.94 -26.89 -41.80
CA GLU A 441 2.35 -28.16 -41.23
C GLU A 441 1.45 -29.31 -41.70
N GLU A 442 0.15 -29.05 -41.90
CA GLU A 442 -0.74 -30.09 -42.41
C GLU A 442 -0.33 -30.52 -43.82
N ASP A 443 0.06 -29.56 -44.66
CA ASP A 443 0.45 -29.89 -46.03
C ASP A 443 1.79 -30.59 -46.08
N ALA A 444 2.73 -30.24 -45.18
CA ALA A 444 3.97 -30.98 -45.12
C ALA A 444 3.71 -32.43 -44.72
N ASN A 445 2.80 -32.65 -43.75
CA ASN A 445 2.51 -34.00 -43.29
C ASN A 445 1.86 -34.83 -44.40
N LEU A 446 1.03 -34.23 -45.25
CA LEU A 446 0.40 -34.99 -46.33
C LEU A 446 1.41 -35.32 -47.42
N MET A 447 2.33 -34.40 -47.73
CA MET A 447 3.42 -34.69 -48.68
C MET A 447 4.36 -35.76 -48.13
N LEU A 448 4.55 -35.79 -46.81
CA LEU A 448 5.35 -36.83 -46.16
C LEU A 448 4.70 -38.20 -46.34
N LEU A 449 3.40 -38.32 -46.01
CA LEU A 449 2.70 -39.58 -46.17
C LEU A 449 2.60 -39.99 -47.64
N GLN A 450 2.48 -39.02 -48.56
CA GLN A 450 2.44 -39.35 -49.97
C GLN A 450 3.79 -39.85 -50.46
N SER A 451 4.89 -39.27 -49.93
CA SER A 451 6.23 -39.77 -50.25
C SER A 451 6.42 -41.20 -49.75
N VAL A 452 5.88 -41.50 -48.57
CA VAL A 452 5.98 -42.87 -48.05
C VAL A 452 5.15 -43.80 -48.92
N GLN A 453 3.96 -43.38 -49.33
CA GLN A 453 3.12 -44.22 -50.15
C GLN A 453 3.79 -44.53 -51.49
N ASP A 454 4.42 -43.53 -52.11
CA ASP A 454 5.09 -43.77 -53.38
C ASP A 454 6.24 -44.77 -53.23
N SER A 455 7.03 -44.65 -52.16
CA SER A 455 8.18 -45.54 -51.95
C SER A 455 7.74 -46.95 -51.57
N LEU A 456 6.66 -47.08 -50.78
CA LEU A 456 6.12 -48.38 -50.43
C LEU A 456 5.62 -49.12 -51.66
N GLU A 457 4.86 -48.43 -52.52
CA GLU A 457 4.32 -49.05 -53.72
C GLU A 457 5.42 -49.45 -54.69
N LYS A 458 6.48 -48.65 -54.80
CA LYS A 458 7.61 -49.04 -55.63
C LYS A 458 8.27 -50.30 -55.09
N ALA A 459 8.25 -50.47 -53.76
CA ALA A 459 9.03 -51.54 -53.15
C ALA A 459 8.29 -52.87 -53.18
N ILE A 460 6.98 -52.88 -52.94
CA ILE A 460 6.19 -54.10 -52.89
C ILE A 460 5.37 -54.31 -54.16
N GLY A 461 5.37 -53.35 -55.07
CA GLY A 461 4.83 -53.58 -56.39
C GLY A 461 3.33 -53.75 -56.46
N LYS A 462 2.59 -53.17 -55.51
CA LYS A 462 1.15 -53.10 -55.59
C LYS A 462 0.67 -51.77 -55.01
N GLU A 463 -0.62 -51.49 -55.21
CA GLU A 463 -1.24 -50.32 -54.60
C GLU A 463 -1.33 -50.48 -53.09
N ALA A 464 -0.96 -49.42 -52.34
CA ALA A 464 -0.91 -49.53 -50.89
C ALA A 464 -1.13 -48.18 -50.21
N PRO A 465 -2.38 -47.79 -49.93
CA PRO A 465 -2.64 -46.43 -49.40
C PRO A 465 -1.92 -46.18 -48.07
N VAL A 466 -1.35 -44.99 -47.94
CA VAL A 466 -0.75 -44.52 -46.69
C VAL A 466 -1.44 -43.21 -46.32
N ARG A 467 -2.36 -43.29 -45.38
CA ARG A 467 -3.27 -42.25 -44.92
C ARG A 467 -3.11 -42.05 -43.42
N PRO A 468 -3.53 -40.91 -42.88
CA PRO A 468 -3.62 -40.78 -41.42
C PRO A 468 -4.65 -41.78 -40.87
N ASN A 469 -4.33 -42.41 -39.75
CA ASN A 469 -5.29 -43.33 -39.13
C ASN A 469 -6.40 -42.52 -38.46
N ALA A 470 -7.31 -43.22 -37.76
CA ALA A 470 -8.51 -42.56 -37.26
C ALA A 470 -8.18 -41.47 -36.24
N GLN A 471 -7.20 -41.74 -35.36
CA GLN A 471 -6.83 -40.77 -34.34
C GLN A 471 -6.12 -39.57 -34.95
N PHE A 472 -5.23 -39.80 -35.93
CA PHE A 472 -4.47 -38.71 -36.53
C PHE A 472 -5.38 -37.82 -37.39
N ALA A 473 -6.31 -38.41 -38.13
CA ALA A 473 -7.25 -37.62 -38.92
C ALA A 473 -8.14 -36.76 -38.05
N ALA A 474 -8.44 -37.20 -36.83
CA ALA A 474 -9.31 -36.41 -35.96
C ALA A 474 -8.56 -35.20 -35.42
N LYS A 475 -7.30 -35.39 -35.01
CA LYS A 475 -6.46 -34.27 -34.56
C LYS A 475 -6.23 -33.26 -35.69
N ILE A 476 -5.85 -33.73 -36.87
CA ILE A 476 -5.64 -32.83 -38.02
C ILE A 476 -6.90 -32.00 -38.30
N ALA A 477 -8.07 -32.62 -38.20
CA ALA A 477 -9.33 -31.95 -38.55
C ALA A 477 -9.80 -30.95 -37.48
N GLY A 478 -9.51 -31.21 -36.20
CA GLY A 478 -9.90 -30.28 -35.15
C GLY A 478 -8.75 -29.44 -34.61
N ALA A 479 -7.69 -29.26 -35.40
CA ALA A 479 -6.50 -28.56 -34.94
C ALA A 479 -6.86 -27.10 -34.62
N SER A 480 -6.48 -26.65 -33.42
CA SER A 480 -6.86 -25.33 -32.97
C SER A 480 -5.95 -24.92 -31.81
N GLU A 481 -6.10 -23.66 -31.40
CA GLU A 481 -5.20 -23.09 -30.40
C GLU A 481 -5.18 -23.89 -29.13
N LYS A 482 -6.33 -24.44 -28.73
CA LYS A 482 -6.39 -25.17 -27.46
C LYS A 482 -5.49 -26.41 -27.46
N ASP A 483 -5.21 -27.00 -28.64
CA ASP A 483 -4.32 -28.17 -28.69
C ASP A 483 -2.89 -27.76 -28.40
N ILE A 484 -2.48 -26.60 -28.91
CA ILE A 484 -1.16 -26.10 -28.53
C ILE A 484 -1.13 -25.80 -27.04
N VAL A 485 -2.21 -25.25 -26.51
CA VAL A 485 -2.23 -24.91 -25.08
C VAL A 485 -2.16 -26.17 -24.23
N HIS A 486 -3.00 -27.16 -24.56
CA HIS A 486 -2.98 -28.45 -23.85
C HIS A 486 -1.60 -29.10 -23.85
N SER A 487 -0.94 -29.17 -25.02
CA SER A 487 0.40 -29.76 -25.07
C SER A 487 1.41 -28.94 -24.26
N GLY A 488 1.31 -27.62 -24.29
CA GLY A 488 2.21 -26.81 -23.48
C GLY A 488 2.08 -27.12 -22.00
N LEU A 489 0.84 -27.19 -21.52
CA LEU A 489 0.58 -27.50 -20.12
C LEU A 489 1.06 -28.90 -19.76
N GLU A 490 0.74 -29.90 -20.57
CA GLU A 490 1.17 -31.27 -20.27
C GLU A 490 2.69 -31.37 -20.22
N TYR A 491 3.39 -30.69 -21.14
CA TYR A 491 4.84 -30.66 -21.12
C TYR A 491 5.36 -30.11 -19.78
N THR A 492 4.80 -28.99 -19.32
CA THR A 492 5.32 -28.35 -18.10
C THR A 492 5.07 -29.20 -16.87
N MET A 493 3.87 -29.80 -16.74
CA MET A 493 3.56 -30.60 -15.55
C MET A 493 4.43 -31.85 -15.45
N ALA A 494 4.69 -32.52 -16.58
CA ALA A 494 5.57 -33.69 -16.55
C ALA A 494 6.99 -33.28 -16.15
N ARG A 495 7.53 -32.23 -16.76
CA ARG A 495 8.89 -31.81 -16.42
C ARG A 495 9.01 -31.43 -14.95
N SER A 496 8.05 -30.66 -14.43
CA SER A 496 8.15 -30.21 -13.05
C SER A 496 7.87 -31.35 -12.09
N GLY A 497 6.93 -32.23 -12.44
CA GLY A 497 6.69 -33.39 -11.61
C GLY A 497 7.91 -34.30 -11.49
N GLU A 498 8.60 -34.53 -12.62
CA GLU A 498 9.83 -35.33 -12.58
C GLU A 498 10.93 -34.66 -11.77
N ALA A 499 11.03 -33.33 -11.82
CA ALA A 499 12.07 -32.66 -11.05
C ALA A 499 11.82 -32.75 -9.55
N ILE A 500 10.56 -32.77 -9.13
CA ILE A 500 10.21 -32.98 -7.73
C ILE A 500 10.65 -34.37 -7.26
N ILE A 501 10.41 -35.38 -8.11
CA ILE A 501 10.77 -36.75 -7.77
C ILE A 501 12.28 -36.89 -7.64
N ARG A 502 13.03 -36.36 -8.62
CA ARG A 502 14.49 -36.42 -8.60
C ARG A 502 15.05 -35.76 -7.34
N THR A 503 14.48 -34.61 -6.94
CA THR A 503 14.95 -33.94 -5.74
C THR A 503 14.62 -34.74 -4.48
N ALA A 504 13.44 -35.39 -4.45
CA ALA A 504 13.05 -36.18 -3.29
C ALA A 504 13.93 -37.42 -3.13
N ARG A 505 14.37 -38.01 -4.25
CA ARG A 505 15.27 -39.15 -4.17
C ARG A 505 16.69 -38.73 -3.80
N LYS A 506 17.14 -37.58 -4.29
CA LYS A 506 18.51 -37.14 -4.01
C LYS A 506 18.74 -36.82 -2.54
N TYR A 507 17.72 -36.33 -1.83
CA TYR A 507 17.88 -35.96 -0.43
C TYR A 507 17.13 -36.90 0.52
N ASN A 508 16.76 -38.09 0.05
CA ASN A 508 16.17 -39.14 0.89
C ASN A 508 14.93 -38.64 1.63
N LEU A 509 14.05 -37.96 0.90
CA LEU A 509 12.86 -37.37 1.51
C LEU A 509 11.67 -38.32 1.60
N GLY A 510 11.76 -39.49 0.99
CA GLY A 510 10.69 -40.47 1.14
C GLY A 510 9.46 -40.09 0.37
N LEU A 511 8.32 -39.97 1.07
CA LEU A 511 7.08 -39.52 0.48
C LEU A 511 6.79 -38.04 0.73
N ASP A 512 7.77 -37.28 1.26
CA ASP A 512 7.59 -35.85 1.54
C ASP A 512 7.89 -35.04 0.27
N MET A 513 6.90 -35.02 -0.63
CA MET A 513 7.09 -34.31 -1.88
C MET A 513 6.92 -32.80 -1.72
N ARG A 514 6.19 -32.35 -0.71
CA ARG A 514 6.03 -30.91 -0.46
C ARG A 514 7.37 -30.25 -0.22
N THR A 515 8.17 -30.83 0.69
CA THR A 515 9.49 -30.28 1.00
C THR A 515 10.38 -30.26 -0.24
N ALA A 516 10.30 -31.31 -1.07
CA ALA A 516 11.07 -31.31 -2.32
C ALA A 516 10.59 -30.23 -3.27
N ALA A 517 9.28 -29.97 -3.31
CA ALA A 517 8.77 -28.94 -4.22
C ALA A 517 9.21 -27.54 -3.78
N TYR A 518 9.14 -27.23 -2.48
CA TYR A 518 9.62 -25.93 -2.00
C TYR A 518 11.10 -25.76 -2.29
N ALA A 519 11.88 -26.83 -2.18
CA ALA A 519 13.32 -26.70 -2.39
C ALA A 519 13.63 -26.36 -3.84
N ASN A 520 12.93 -27.00 -4.80
CA ASN A 520 13.09 -26.62 -6.20
C ASN A 520 12.67 -25.16 -6.46
N SER A 521 11.58 -24.72 -5.80
CA SER A 521 11.07 -23.37 -6.01
C SER A 521 12.01 -22.33 -5.44
N ILE A 522 12.45 -22.54 -4.19
CA ILE A 522 13.44 -21.66 -3.57
C ILE A 522 14.70 -21.56 -4.43
N GLU A 523 15.14 -22.68 -5.01
CA GLU A 523 16.39 -22.66 -5.74
C GLU A 523 16.31 -21.75 -6.96
N LYS A 524 15.16 -21.74 -7.65
CA LYS A 524 15.02 -20.88 -8.81
C LYS A 524 15.03 -19.39 -8.40
N VAL A 525 14.22 -19.01 -7.42
CA VAL A 525 14.19 -17.61 -6.98
C VAL A 525 15.59 -17.17 -6.54
N TYR A 526 16.30 -18.02 -5.78
CA TYR A 526 17.62 -17.65 -5.25
C TYR A 526 18.60 -17.33 -6.37
N ASN A 527 18.56 -18.11 -7.47
CA ASN A 527 19.50 -17.88 -8.56
C ASN A 527 19.27 -16.56 -9.29
N THR A 528 18.03 -16.07 -9.33
CA THR A 528 17.81 -14.71 -9.82
C THR A 528 18.57 -13.70 -8.96
N TYR A 529 18.37 -13.73 -7.63
CA TYR A 529 19.09 -12.85 -6.73
C TYR A 529 20.60 -13.06 -6.84
N ARG A 530 21.06 -14.31 -7.05
CA ARG A 530 22.49 -14.55 -7.09
C ARG A 530 23.15 -13.84 -8.27
N THR A 531 22.53 -13.88 -9.46
CA THR A 531 23.11 -13.25 -10.64
C THR A 531 22.74 -11.77 -10.79
N ALA A 532 21.56 -11.36 -10.33
CA ALA A 532 21.23 -9.94 -10.35
C ALA A 532 22.20 -9.13 -9.51
N GLY A 533 22.71 -9.72 -8.43
CA GLY A 533 23.58 -9.00 -7.51
C GLY A 533 22.89 -8.59 -6.24
N PHE A 534 23.36 -9.14 -5.11
CA PHE A 534 22.84 -8.83 -3.78
C PHE A 534 23.90 -8.15 -2.92
N THR A 535 24.98 -7.65 -3.54
CA THR A 535 26.10 -7.10 -2.77
C THR A 535 25.73 -5.80 -2.09
N PHE A 536 24.90 -4.96 -2.74
CA PHE A 536 24.52 -3.65 -2.18
C PHE A 536 24.09 -3.76 -0.73
N THR A 537 23.02 -4.53 -0.47
CA THR A 537 22.50 -4.75 0.88
C THR A 537 21.32 -5.73 0.81
N LYS B 34 -18.43 4.71 24.76
CA LYS B 34 -18.31 6.03 25.37
C LYS B 34 -18.27 7.12 24.30
N PRO B 35 -18.83 8.29 24.61
CA PRO B 35 -18.73 9.42 23.67
C PRO B 35 -17.30 9.92 23.56
N MET B 36 -16.98 10.47 22.38
CA MET B 36 -15.63 10.99 22.12
C MET B 36 -15.33 12.26 22.93
N GLU B 37 -16.37 13.00 23.33
CA GLU B 37 -16.28 14.14 24.24
C GLU B 37 -16.30 13.71 25.72
N GLU B 38 -15.88 12.46 25.99
CA GLU B 38 -15.76 11.95 27.35
C GLU B 38 -14.73 10.81 27.43
N GLN B 39 -13.78 10.79 26.50
CA GLN B 39 -12.78 9.72 26.42
C GLN B 39 -11.44 10.18 26.99
N SER B 40 -10.71 9.23 27.58
CA SER B 40 -9.43 9.52 28.25
C SER B 40 -8.27 9.53 27.26
N ASN B 41 -8.07 8.42 26.56
CA ASN B 41 -6.96 8.24 25.62
C ASN B 41 -7.54 7.81 24.26
N PRO B 42 -8.15 8.73 23.53
CA PRO B 42 -8.76 8.38 22.25
C PRO B 42 -7.70 8.25 21.16
N SER B 43 -8.06 7.44 20.15
CA SER B 43 -7.25 7.33 18.95
C SER B 43 -7.06 8.70 18.29
N PHE B 44 -5.84 8.94 17.79
CA PHE B 44 -5.57 10.22 17.15
C PHE B 44 -6.37 10.39 15.87
N PHE B 45 -6.52 9.31 15.07
CA PHE B 45 -7.42 9.36 13.93
C PHE B 45 -8.86 9.65 14.37
N LYS B 46 -9.26 9.15 15.55
CA LYS B 46 -10.60 9.38 16.05
C LYS B 46 -10.80 10.84 16.50
N MET B 47 -9.76 11.45 17.09
CA MET B 47 -9.80 12.88 17.39
C MET B 47 -9.97 13.72 16.13
N VAL B 48 -9.12 13.46 15.12
CA VAL B 48 -9.23 14.17 13.85
C VAL B 48 -10.61 13.95 13.23
N ASP B 49 -11.12 12.72 13.29
CA ASP B 49 -12.46 12.47 12.73
C ASP B 49 -13.53 13.20 13.51
N TYR B 50 -13.37 13.31 14.83
CA TYR B 50 -14.36 14.05 15.62
C TYR B 50 -14.36 15.53 15.26
N TYR B 51 -13.17 16.13 15.11
CA TYR B 51 -13.12 17.53 14.70
C TYR B 51 -13.67 17.70 13.29
N PHE B 52 -13.39 16.74 12.41
CA PHE B 52 -13.98 16.75 11.07
C PHE B 52 -15.50 16.79 11.14
N ASP B 53 -16.09 15.92 11.96
CA ASP B 53 -17.55 15.82 12.01
C ASP B 53 -18.19 17.10 12.54
N LYS B 54 -17.61 17.73 13.57
CA LYS B 54 -18.17 19.00 13.99
C LYS B 54 -18.10 20.03 12.88
N GLY B 55 -17.04 19.97 12.06
CA GLY B 55 -16.92 20.91 10.95
C GLY B 55 -17.87 20.63 9.80
N ALA B 56 -18.03 19.36 9.43
CA ALA B 56 -18.96 19.02 8.37
C ALA B 56 -20.38 19.45 8.74
N THR B 57 -20.76 19.32 10.01
CA THR B 57 -22.10 19.68 10.45
C THR B 57 -22.40 21.16 10.19
N VAL B 58 -21.45 22.04 10.54
CA VAL B 58 -21.66 23.48 10.36
C VAL B 58 -21.95 23.79 8.88
N ILE B 59 -21.18 23.22 7.95
CA ILE B 59 -21.26 23.67 6.57
C ILE B 59 -22.30 22.91 5.74
N GLU B 60 -22.71 21.73 6.16
CA GLU B 60 -23.59 20.91 5.33
C GLU B 60 -24.86 21.62 4.86
N PRO B 61 -25.56 22.44 5.66
CA PRO B 61 -26.72 23.18 5.10
C PRO B 61 -26.36 24.07 3.93
N LYS B 62 -25.33 24.90 4.09
CA LYS B 62 -24.93 25.82 3.04
C LYS B 62 -24.54 25.08 1.76
N LEU B 63 -23.83 23.95 1.87
CA LEU B 63 -23.42 23.23 0.66
C LEU B 63 -24.62 22.71 -0.12
N VAL B 64 -25.66 22.26 0.58
CA VAL B 64 -26.87 21.76 -0.08
C VAL B 64 -27.65 22.89 -0.76
N GLU B 65 -27.80 24.03 -0.06
CA GLU B 65 -28.47 25.17 -0.69
C GLU B 65 -27.69 25.71 -1.87
N GLU B 66 -26.37 25.66 -1.83
CA GLU B 66 -25.55 26.16 -2.92
C GLU B 66 -25.63 25.31 -4.18
N MET B 67 -26.16 24.09 -4.08
CA MET B 67 -26.18 23.18 -5.21
C MET B 67 -27.41 23.45 -6.06
N LYS B 68 -27.19 23.78 -7.34
CA LYS B 68 -28.24 24.22 -8.23
C LYS B 68 -28.35 23.25 -9.39
N SER B 69 -29.58 22.81 -9.67
CA SER B 69 -29.84 21.90 -10.78
C SER B 69 -31.33 21.63 -10.86
N ASN B 70 -31.93 21.88 -12.01
CA ASN B 70 -33.34 21.54 -12.16
C ASN B 70 -33.58 20.06 -12.42
N SER B 71 -32.54 19.24 -12.55
CA SER B 71 -32.77 17.82 -12.71
C SER B 71 -32.31 17.03 -11.49
N MET B 72 -32.02 17.70 -10.38
CA MET B 72 -31.77 17.06 -9.09
C MET B 72 -32.88 17.39 -8.10
N SER B 73 -33.32 16.39 -7.35
CA SER B 73 -34.23 16.58 -6.24
C SER B 73 -33.44 16.94 -4.99
N VAL B 74 -34.14 17.40 -3.95
CA VAL B 74 -33.48 17.70 -2.69
C VAL B 74 -32.75 16.48 -2.17
N MET B 75 -33.37 15.30 -2.26
CA MET B 75 -32.74 14.07 -1.80
C MET B 75 -31.47 13.76 -2.58
N ASP B 76 -31.49 13.96 -3.91
CA ASP B 76 -30.27 13.80 -4.70
C ASP B 76 -29.16 14.72 -4.18
N LYS B 77 -29.48 15.98 -3.91
CA LYS B 77 -28.46 16.93 -3.48
C LYS B 77 -27.88 16.54 -2.11
N LYS B 78 -28.75 16.23 -1.14
CA LYS B 78 -28.30 15.76 0.17
C LYS B 78 -27.40 14.54 0.05
N ASN B 79 -27.76 13.61 -0.82
CA ASN B 79 -26.94 12.40 -0.97
C ASN B 79 -25.60 12.70 -1.61
N LEU B 80 -25.54 13.67 -2.52
CA LEU B 80 -24.27 14.01 -3.15
C LEU B 80 -23.35 14.73 -2.18
N VAL B 81 -23.89 15.71 -1.45
CA VAL B 81 -23.08 16.43 -0.47
C VAL B 81 -22.51 15.47 0.57
N SER B 82 -23.36 14.63 1.16
CA SER B 82 -22.84 13.71 2.16
C SER B 82 -21.94 12.64 1.54
N GLY B 83 -22.19 12.29 0.27
CA GLY B 83 -21.26 11.39 -0.43
C GLY B 83 -19.86 11.96 -0.51
N ILE B 84 -19.75 13.22 -0.95
CA ILE B 84 -18.44 13.85 -1.08
C ILE B 84 -17.73 13.92 0.27
N LEU B 85 -18.45 14.33 1.33
CA LEU B 85 -17.81 14.46 2.64
C LEU B 85 -17.39 13.10 3.22
N LYS B 86 -18.15 12.04 2.93
CA LYS B 86 -17.73 10.71 3.38
C LYS B 86 -16.46 10.25 2.67
N ALA B 87 -16.29 10.60 1.40
CA ALA B 87 -15.08 10.20 0.70
C ALA B 87 -13.85 10.96 1.21
N ILE B 88 -14.02 12.21 1.63
CA ILE B 88 -12.88 13.02 2.08
C ILE B 88 -12.26 12.42 3.34
N LYS B 89 -13.08 11.98 4.30
CA LYS B 89 -12.62 11.48 5.60
C LYS B 89 -11.54 10.41 5.50
N PRO B 90 -11.77 9.26 4.87
CA PRO B 90 -10.76 8.19 4.89
C PRO B 90 -9.60 8.47 3.94
N VAL B 91 -8.46 7.88 4.31
CA VAL B 91 -7.26 7.90 3.50
C VAL B 91 -7.48 7.20 2.17
N ASN B 92 -7.07 7.84 1.07
CA ASN B 92 -7.25 7.25 -0.25
C ASN B 92 -6.34 6.06 -0.50
N LYS B 93 -5.07 6.16 -0.06
CA LYS B 93 -4.03 5.22 -0.46
C LYS B 93 -2.96 5.10 0.62
N VAL B 94 -2.48 3.87 0.83
CA VAL B 94 -1.32 3.60 1.67
C VAL B 94 -0.44 2.56 0.99
N LEU B 95 0.85 2.86 0.85
CA LEU B 95 1.85 1.93 0.33
C LEU B 95 2.70 1.41 1.49
N TYR B 96 2.82 0.09 1.58
CA TYR B 96 3.64 -0.54 2.60
C TYR B 96 4.72 -1.38 1.94
N ILE B 97 5.98 -1.18 2.35
CA ILE B 97 7.10 -1.92 1.76
C ILE B 97 7.94 -2.57 2.86
N THR B 98 8.62 -3.66 2.49
CA THR B 98 9.70 -4.24 3.30
C THR B 98 10.91 -4.50 2.40
N PHE B 99 12.11 -4.34 2.95
CA PHE B 99 13.29 -4.49 2.12
C PHE B 99 14.48 -4.84 3.00
N PRO B 100 15.46 -5.55 2.46
CA PRO B 100 16.62 -5.95 3.25
C PRO B 100 17.75 -4.92 3.21
N ILE B 101 18.50 -4.87 4.30
CA ILE B 101 19.78 -4.17 4.32
C ILE B 101 20.84 -5.08 4.94
N ARG B 102 22.08 -4.89 4.53
CA ARG B 102 23.22 -5.46 5.23
C ARG B 102 23.79 -4.42 6.19
N ARG B 103 23.69 -4.71 7.49
CA ARG B 103 24.32 -3.89 8.52
C ARG B 103 25.84 -3.77 8.28
N ASP B 104 26.45 -2.76 8.91
CA ASP B 104 27.89 -2.56 8.76
C ASP B 104 28.68 -3.78 9.24
N ASN B 105 28.24 -4.40 10.34
CA ASN B 105 28.83 -5.62 10.87
C ASN B 105 28.47 -6.88 10.04
N GLY B 106 28.01 -6.75 8.80
CA GLY B 106 27.88 -7.86 7.87
C GLY B 106 26.54 -8.58 7.87
N GLU B 107 25.77 -8.51 8.93
CA GLU B 107 24.55 -9.30 9.04
C GLU B 107 23.32 -8.55 8.52
N PHE B 108 22.32 -9.32 8.07
CA PHE B 108 21.19 -8.80 7.32
C PHE B 108 19.96 -8.63 8.22
N GLU B 109 19.12 -7.67 7.83
CA GLU B 109 17.92 -7.34 8.59
C GLU B 109 16.88 -6.83 7.61
N VAL B 110 15.60 -6.90 8.01
CA VAL B 110 14.48 -6.50 7.16
C VAL B 110 13.81 -5.27 7.77
N VAL B 111 13.61 -4.23 6.94
CA VAL B 111 13.08 -2.94 7.37
C VAL B 111 11.68 -2.75 6.78
N GLU B 112 10.77 -2.18 7.59
CA GLU B 112 9.42 -1.82 7.20
C GLU B 112 9.25 -0.31 7.04
N ALA B 113 8.38 0.09 6.10
CA ALA B 113 8.09 1.51 5.89
C ALA B 113 6.69 1.66 5.27
N TRP B 114 6.06 2.81 5.55
CA TRP B 114 4.71 3.14 5.12
C TRP B 114 4.69 4.56 4.54
N ARG B 115 3.80 4.79 3.58
CA ARG B 115 3.55 6.12 3.01
C ARG B 115 2.07 6.24 2.68
N ALA B 116 1.37 7.15 3.36
CA ALA B 116 -0.05 7.38 3.14
C ALA B 116 -0.27 8.65 2.33
N GLN B 117 -1.18 8.57 1.36
CA GLN B 117 -1.69 9.73 0.64
C GLN B 117 -3.16 9.88 1.02
N HIS B 118 -3.49 10.91 1.81
CA HIS B 118 -4.85 11.00 2.33
C HIS B 118 -5.82 11.50 1.28
N SER B 119 -5.41 12.53 0.52
CA SER B 119 -6.26 13.16 -0.48
C SER B 119 -5.46 13.50 -1.72
N GLU B 120 -6.05 13.22 -2.88
CA GLU B 120 -5.48 13.55 -4.19
C GLU B 120 -6.34 14.57 -4.92
N HIS B 121 -7.22 15.28 -4.21
CA HIS B 121 -8.02 16.32 -4.85
C HIS B 121 -7.12 17.38 -5.46
N ARG B 122 -5.94 17.60 -4.88
CA ARG B 122 -4.85 18.30 -5.54
C ARG B 122 -3.61 17.45 -5.43
N THR B 123 -2.83 17.41 -6.51
CA THR B 123 -1.54 16.76 -6.59
C THR B 123 -0.46 17.79 -6.91
N PRO B 124 0.78 17.59 -6.44
CA PRO B 124 1.27 16.43 -5.66
C PRO B 124 0.74 16.48 -4.24
N THR B 125 0.74 15.35 -3.52
CA THR B 125 0.53 15.40 -2.09
C THR B 125 1.83 15.85 -1.41
N LYS B 126 1.76 16.08 -0.10
CA LYS B 126 2.82 16.78 0.63
C LYS B 126 2.84 16.33 2.09
N GLY B 127 4.01 16.04 2.62
CA GLY B 127 4.14 15.78 4.04
C GLY B 127 5.41 15.03 4.38
N GLY B 128 5.75 15.04 5.70
CA GLY B 128 7.06 14.59 6.15
C GLY B 128 7.24 13.08 6.28
N ILE B 129 8.50 12.68 6.48
CA ILE B 129 8.91 11.31 6.76
C ILE B 129 9.55 11.24 8.15
N ARG B 130 9.03 10.36 9.02
CA ARG B 130 9.65 10.04 10.31
C ARG B 130 10.52 8.80 10.22
N TYR B 131 11.64 8.82 10.95
CA TYR B 131 12.38 7.62 11.31
C TYR B 131 12.17 7.41 12.80
N SER B 132 11.37 6.40 13.15
CA SER B 132 11.09 6.20 14.57
C SER B 132 10.48 4.81 14.76
N LEU B 133 10.76 4.22 15.93
CA LEU B 133 10.15 2.94 16.29
C LEU B 133 8.64 3.04 16.51
N ASP B 134 8.06 4.26 16.57
CA ASP B 134 6.63 4.44 16.80
C ASP B 134 5.82 4.49 15.52
N VAL B 135 6.43 4.39 14.33
CA VAL B 135 5.62 4.49 13.13
C VAL B 135 4.84 3.18 12.95
N CYS B 136 3.62 3.31 12.46
CA CYS B 136 2.73 2.21 12.13
C CYS B 136 1.73 2.76 11.12
N GLU B 137 0.95 1.86 10.51
CA GLU B 137 0.02 2.30 9.48
C GLU B 137 -1.02 3.29 10.04
N ASP B 138 -1.49 3.07 11.26
CA ASP B 138 -2.54 3.95 11.79
C ASP B 138 -2.01 5.36 12.09
N GLU B 139 -0.75 5.47 12.48
CA GLU B 139 -0.16 6.78 12.70
C GLU B 139 -0.05 7.57 11.40
N VAL B 140 0.52 6.98 10.35
CA VAL B 140 0.68 7.76 9.12
C VAL B 140 -0.67 8.08 8.49
N LYS B 141 -1.68 7.21 8.70
CA LYS B 141 -3.03 7.54 8.23
C LYS B 141 -3.58 8.80 8.91
N ALA B 142 -3.50 8.86 10.24
CA ALA B 142 -4.13 9.99 10.94
C ALA B 142 -3.41 11.30 10.67
N LEU B 143 -2.08 11.26 10.61
CA LEU B 143 -1.31 12.48 10.36
C LEU B 143 -1.43 12.95 8.91
N SER B 144 -1.62 12.03 7.95
CA SER B 144 -1.82 12.51 6.59
C SER B 144 -3.18 13.20 6.45
N ALA B 145 -4.17 12.76 7.22
CA ALA B 145 -5.46 13.43 7.18
C ALA B 145 -5.36 14.82 7.79
N LEU B 146 -4.71 14.94 8.95
CA LEU B 146 -4.45 16.27 9.50
C LEU B 146 -3.75 17.14 8.46
N MET B 147 -2.82 16.55 7.69
CA MET B 147 -2.05 17.35 6.74
C MET B 147 -2.92 17.90 5.61
N THR B 148 -3.97 17.17 5.20
CA THR B 148 -4.89 17.72 4.19
C THR B 148 -5.54 19.01 4.69
N TYR B 149 -6.00 19.02 5.95
CA TYR B 149 -6.73 20.19 6.46
C TYR B 149 -5.78 21.34 6.78
N LYS B 150 -4.53 21.05 7.17
CA LYS B 150 -3.52 22.09 7.36
C LYS B 150 -3.24 22.85 6.06
N CYS B 151 -2.89 22.10 5.00
CA CYS B 151 -2.57 22.71 3.69
C CYS B 151 -3.71 23.59 3.20
N ALA B 152 -4.95 23.07 3.27
CA ALA B 152 -6.09 23.87 2.84
C ALA B 152 -6.24 25.12 3.71
N ALA B 153 -5.89 25.03 5.00
CA ALA B 153 -6.03 26.19 5.89
C ALA B 153 -5.15 27.35 5.44
N VAL B 154 -3.94 27.06 4.98
CA VAL B 154 -3.02 28.11 4.55
C VAL B 154 -2.97 28.24 3.03
N ASP B 155 -4.02 27.80 2.33
CA ASP B 155 -4.18 28.03 0.90
C ASP B 155 -3.01 27.49 0.08
N VAL B 156 -2.57 26.28 0.41
CA VAL B 156 -1.49 25.62 -0.29
C VAL B 156 -2.10 24.49 -1.13
N PRO B 157 -1.81 24.42 -2.44
CA PRO B 157 -2.54 23.49 -3.33
C PRO B 157 -2.00 22.06 -3.31
N PHE B 158 -2.03 21.41 -2.14
CA PHE B 158 -1.55 20.04 -1.96
C PHE B 158 -2.55 19.21 -1.17
N GLY B 159 -2.78 17.97 -1.58
CA GLY B 159 -3.39 17.02 -0.66
C GLY B 159 -2.38 16.54 0.37
N GLY B 160 -2.87 16.04 1.51
CA GLY B 160 -1.97 15.69 2.59
C GLY B 160 -1.40 14.28 2.48
N ALA B 161 -0.22 14.07 3.08
CA ALA B 161 0.48 12.80 3.04
C ALA B 161 1.37 12.70 4.27
N LYS B 162 1.81 11.47 4.59
CA LYS B 162 2.73 11.23 5.69
C LYS B 162 3.41 9.88 5.50
N GLY B 163 4.69 9.81 5.91
CA GLY B 163 5.43 8.58 5.79
C GLY B 163 6.28 8.29 7.01
N GLY B 164 6.81 7.07 7.05
CA GLY B 164 7.67 6.64 8.15
C GLY B 164 8.40 5.33 7.97
N VAL B 165 9.63 5.25 8.50
CA VAL B 165 10.44 4.05 8.53
C VAL B 165 10.55 3.61 9.98
N LYS B 166 10.23 2.34 10.26
CA LYS B 166 10.17 1.86 11.65
C LYS B 166 11.56 1.41 12.12
N ILE B 167 12.36 2.40 12.53
CA ILE B 167 13.72 2.18 13.05
C ILE B 167 14.02 3.21 14.13
N ASP B 168 14.90 2.85 15.07
CA ASP B 168 15.50 3.84 15.96
C ASP B 168 16.78 4.34 15.31
N PRO B 169 16.81 5.56 14.78
CA PRO B 169 17.96 5.98 13.97
C PRO B 169 19.26 6.18 14.75
N LYS B 170 19.23 6.32 16.07
CA LYS B 170 20.50 6.44 16.78
C LYS B 170 21.24 5.10 16.92
N MET B 171 20.66 4.01 16.44
CA MET B 171 21.30 2.70 16.47
C MET B 171 22.00 2.37 15.16
N TYR B 172 22.13 3.34 14.25
CA TYR B 172 22.68 3.12 12.91
C TYR B 172 23.77 4.13 12.65
N THR B 173 24.82 3.71 11.94
CA THR B 173 25.88 4.61 11.53
C THR B 173 25.41 5.46 10.36
N ASP B 174 26.18 6.51 10.06
CA ASP B 174 25.85 7.35 8.90
C ASP B 174 25.69 6.52 7.64
N TYR B 175 26.54 5.51 7.47
CA TYR B 175 26.52 4.69 6.26
C TYR B 175 25.22 3.89 6.15
N GLU B 176 24.78 3.27 7.25
CA GLU B 176 23.53 2.50 7.22
C GLU B 176 22.32 3.39 6.97
N ILE B 177 22.29 4.59 7.59
CA ILE B 177 21.22 5.56 7.37
C ILE B 177 21.15 5.96 5.89
N GLU B 178 22.31 6.20 5.27
CA GLU B 178 22.32 6.52 3.83
C GLU B 178 21.73 5.40 2.99
N LYS B 179 22.05 4.13 3.31
CA LYS B 179 21.53 3.02 2.51
C LYS B 179 20.02 2.86 2.69
N ILE B 180 19.54 2.91 3.92
CA ILE B 180 18.09 2.95 4.19
C ILE B 180 17.44 4.09 3.40
N THR B 181 18.05 5.28 3.43
CA THR B 181 17.45 6.46 2.80
C THR B 181 17.37 6.32 1.30
N ARG B 182 18.45 5.86 0.65
CA ARG B 182 18.43 5.73 -0.79
C ARG B 182 17.49 4.63 -1.24
N ARG B 183 17.30 3.59 -0.43
CA ARG B 183 16.43 2.48 -0.81
C ARG B 183 14.96 2.90 -0.80
N ILE B 184 14.53 3.66 0.23
CA ILE B 184 13.12 4.05 0.24
C ILE B 184 12.84 5.06 -0.86
N ALA B 185 13.85 5.85 -1.26
CA ALA B 185 13.61 6.76 -2.38
C ALA B 185 13.25 6.00 -3.66
N ILE B 186 14.06 4.99 -4.03
CA ILE B 186 13.81 4.20 -5.24
C ILE B 186 12.47 3.49 -5.15
N GLU B 187 12.22 2.79 -4.04
CA GLU B 187 11.03 1.94 -3.92
C GLU B 187 9.75 2.78 -3.90
N PHE B 188 9.73 3.86 -3.13
CA PHE B 188 8.58 4.76 -3.18
C PHE B 188 8.40 5.33 -4.57
N ALA B 189 9.51 5.71 -5.22
CA ALA B 189 9.40 6.42 -6.50
C ALA B 189 8.89 5.51 -7.60
N LYS B 190 9.23 4.20 -7.56
CA LYS B 190 8.74 3.28 -8.59
C LYS B 190 7.23 3.16 -8.58
N LYS B 191 6.57 3.37 -7.44
CA LYS B 191 5.15 3.13 -7.31
C LYS B 191 4.32 4.43 -7.28
N GLY B 192 4.93 5.58 -7.56
CA GLY B 192 4.19 6.82 -7.57
C GLY B 192 3.97 7.44 -6.21
N PHE B 193 4.87 7.18 -5.26
CA PHE B 193 4.82 7.79 -3.94
C PHE B 193 6.04 8.67 -3.67
N LEU B 194 6.70 9.17 -4.73
CA LEU B 194 7.73 10.20 -4.63
C LEU B 194 7.99 10.77 -6.02
N GLY B 195 7.90 12.10 -6.15
CA GLY B 195 8.10 12.78 -7.41
C GLY B 195 7.45 14.17 -7.43
N PRO B 196 8.00 15.09 -8.22
CA PRO B 196 7.56 16.50 -8.14
C PRO B 196 6.10 16.71 -8.47
N GLY B 197 5.50 15.84 -9.27
CA GLY B 197 4.11 16.01 -9.65
C GLY B 197 3.14 15.17 -8.85
N VAL B 198 3.62 14.19 -8.08
CA VAL B 198 2.76 13.21 -7.46
C VAL B 198 2.86 13.18 -5.93
N ASP B 199 4.06 13.36 -5.37
CA ASP B 199 4.20 13.26 -3.90
C ASP B 199 5.52 13.85 -3.45
N VAL B 200 5.47 14.89 -2.62
CA VAL B 200 6.66 15.66 -2.27
C VAL B 200 6.88 15.61 -0.76
N PRO B 201 7.88 14.88 -0.27
CA PRO B 201 8.07 14.75 1.19
C PRO B 201 8.86 15.89 1.83
N ALA B 202 9.30 15.70 3.10
CA ALA B 202 9.88 16.74 3.96
C ALA B 202 10.49 16.10 5.20
N PRO B 203 11.31 16.83 5.98
CA PRO B 203 11.84 16.25 7.22
C PRO B 203 10.77 16.10 8.29
N ASP B 204 10.99 15.16 9.19
CA ASP B 204 10.19 15.06 10.42
C ASP B 204 11.10 14.48 11.50
N MET B 205 10.51 14.13 12.64
CA MET B 205 11.22 13.47 13.73
C MET B 205 12.15 12.35 13.22
N GLY B 206 13.46 12.50 13.47
CA GLY B 206 14.43 11.50 13.07
C GLY B 206 15.06 11.66 11.70
N THR B 207 14.64 12.65 10.90
CA THR B 207 15.27 12.96 9.62
C THR B 207 15.58 14.45 9.57
N GLY B 208 16.52 14.79 8.69
CA GLY B 208 16.88 16.17 8.51
C GLY B 208 17.24 16.47 7.08
N GLU B 209 17.81 17.65 6.88
CA GLU B 209 18.13 18.12 5.55
C GLU B 209 19.17 17.23 4.88
N ARG B 210 20.02 16.55 5.66
CA ARG B 210 20.98 15.63 5.07
C ARG B 210 20.28 14.48 4.36
N GLU B 211 19.22 13.94 4.97
CA GLU B 211 18.47 12.87 4.31
C GLU B 211 17.74 13.37 3.08
N MET B 212 17.24 14.63 3.13
CA MET B 212 16.46 15.15 2.00
C MET B 212 17.34 15.33 0.78
N GLY B 213 18.59 15.76 0.98
CA GLY B 213 19.52 15.83 -0.12
C GLY B 213 19.84 14.47 -0.71
N TRP B 214 19.96 13.45 0.13
CA TRP B 214 20.21 12.09 -0.39
C TRP B 214 19.03 11.58 -1.21
N ILE B 215 17.80 11.85 -0.76
CA ILE B 215 16.65 11.41 -1.54
C ILE B 215 16.61 12.13 -2.89
N ALA B 216 16.84 13.46 -2.90
CA ALA B 216 16.76 14.20 -4.16
C ALA B 216 17.78 13.68 -5.17
N ASP B 217 19.01 13.44 -4.73
CA ASP B 217 20.04 12.91 -5.62
C ASP B 217 19.69 11.52 -6.14
N THR B 218 19.11 10.67 -5.28
CA THR B 218 18.79 9.32 -5.73
C THR B 218 17.67 9.33 -6.76
N TYR B 219 16.71 10.24 -6.59
CA TYR B 219 15.63 10.38 -7.57
C TYR B 219 16.17 10.87 -8.92
N ALA B 220 17.04 11.89 -8.90
CA ALA B 220 17.55 12.50 -10.13
C ALA B 220 18.42 11.54 -10.93
N GLN B 221 19.08 10.60 -10.26
CA GLN B 221 19.97 9.64 -10.90
C GLN B 221 19.27 8.37 -11.36
N THR B 222 18.03 8.13 -10.95
CA THR B 222 17.41 6.84 -11.28
C THR B 222 16.01 7.02 -11.87
N ILE B 223 14.97 6.86 -11.06
CA ILE B 223 13.60 6.98 -11.55
C ILE B 223 13.34 8.34 -12.19
N GLY B 224 14.04 9.39 -11.76
CA GLY B 224 13.82 10.70 -12.33
C GLY B 224 14.86 11.21 -13.31
N HIS B 225 15.62 10.30 -13.95
CA HIS B 225 16.73 10.75 -14.80
C HIS B 225 16.29 11.65 -15.95
N LEU B 226 15.02 11.58 -16.38
CA LEU B 226 14.49 12.46 -17.44
C LEU B 226 13.69 13.65 -16.90
N ASP B 227 13.61 13.81 -15.59
CA ASP B 227 12.76 14.83 -14.99
C ASP B 227 13.51 16.16 -14.94
N ARG B 228 12.98 17.15 -15.66
CA ARG B 228 13.54 18.50 -15.67
C ARG B 228 13.52 19.14 -14.28
N ASP B 229 12.56 18.78 -13.45
CA ASP B 229 12.35 19.41 -12.14
C ASP B 229 12.63 18.46 -10.99
N ALA B 230 13.67 17.63 -11.14
CA ALA B 230 13.94 16.57 -10.17
C ALA B 230 14.13 17.13 -8.77
N SER B 231 14.77 18.29 -8.65
CA SER B 231 15.06 18.78 -7.30
C SER B 231 13.81 19.25 -6.56
N ALA B 232 12.68 19.40 -7.25
CA ALA B 232 11.38 19.67 -6.63
C ALA B 232 10.66 18.42 -6.13
N CYS B 233 11.33 17.26 -6.08
CA CYS B 233 10.67 16.06 -5.59
C CYS B 233 10.56 16.02 -4.07
N ILE B 234 11.25 16.90 -3.36
CA ILE B 234 11.29 16.91 -1.88
C ILE B 234 11.69 18.32 -1.41
N THR B 235 11.22 18.71 -0.20
CA THR B 235 11.60 19.99 0.40
C THR B 235 12.35 19.74 1.71
N GLY B 236 12.76 20.85 2.34
CA GLY B 236 13.73 20.79 3.42
C GLY B 236 15.13 20.38 3.01
N LYS B 237 15.52 20.63 1.75
CA LYS B 237 16.87 20.28 1.28
C LYS B 237 17.93 21.25 1.83
N PRO B 238 19.20 20.85 1.82
CA PRO B 238 20.28 21.82 2.03
C PRO B 238 20.26 22.88 0.93
N ILE B 239 20.73 24.09 1.27
CA ILE B 239 20.70 25.20 0.31
C ILE B 239 21.41 24.82 -0.99
N VAL B 240 22.58 24.16 -0.89
CA VAL B 240 23.34 23.85 -2.10
C VAL B 240 22.54 22.96 -3.07
N ALA B 241 21.58 22.18 -2.58
CA ALA B 241 20.81 21.30 -3.45
C ALA B 241 19.46 21.89 -3.84
N GLY B 242 19.28 23.20 -3.69
CA GLY B 242 18.01 23.83 -4.01
C GLY B 242 17.06 24.13 -2.86
N GLY B 243 17.48 23.93 -1.61
CA GLY B 243 16.70 24.39 -0.47
C GLY B 243 16.42 25.89 -0.45
N ILE B 244 15.65 26.35 0.55
CA ILE B 244 15.19 27.74 0.61
C ILE B 244 15.61 28.36 1.95
N HIS B 245 16.05 29.62 1.90
CA HIS B 245 16.36 30.36 3.12
C HIS B 245 15.08 30.73 3.85
N GLY B 246 15.15 30.79 5.18
CA GLY B 246 13.99 31.09 6.01
C GLY B 246 13.20 29.89 6.49
N ARG B 247 13.69 28.67 6.28
CA ARG B 247 12.87 27.49 6.57
C ARG B 247 12.85 27.14 8.05
N VAL B 248 13.98 27.29 8.74
CA VAL B 248 14.09 26.70 10.09
C VAL B 248 13.35 27.51 11.15
N SER B 249 13.07 28.79 10.91
CA SER B 249 12.32 29.61 11.85
C SER B 249 10.81 29.66 11.57
N ALA B 250 10.35 29.00 10.50
CA ALA B 250 9.03 29.29 9.93
C ALA B 250 7.90 28.95 10.91
N THR B 251 7.89 27.70 11.41
CA THR B 251 6.84 27.28 12.33
C THR B 251 6.72 28.21 13.52
N GLY B 252 7.85 28.54 14.16
CA GLY B 252 7.82 29.52 15.24
C GLY B 252 7.25 30.87 14.82
N ARG B 253 7.60 31.34 13.61
CA ARG B 253 7.19 32.68 13.17
C ARG B 253 5.71 32.75 12.84
N GLY B 254 5.12 31.64 12.40
CA GLY B 254 3.70 31.58 12.14
C GLY B 254 2.91 31.49 13.43
N VAL B 255 3.41 30.68 14.39
CA VAL B 255 2.84 30.67 15.74
C VAL B 255 2.80 32.09 16.32
N TRP B 256 3.80 32.91 15.98
CA TRP B 256 3.80 34.30 16.42
C TRP B 256 2.76 35.11 15.67
N LYS B 257 2.77 35.04 14.33
CA LYS B 257 1.77 35.74 13.54
C LYS B 257 0.37 35.22 13.83
N GLY B 258 0.25 34.00 14.33
CA GLY B 258 -1.03 33.46 14.74
C GLY B 258 -1.57 34.16 15.96
N LEU B 259 -0.80 34.08 17.06
CA LEU B 259 -1.19 34.74 18.31
C LEU B 259 -1.44 36.23 18.09
N GLU B 260 -0.64 36.85 17.23
CA GLU B 260 -0.80 38.26 16.94
C GLU B 260 -2.12 38.55 16.22
N VAL B 261 -2.58 37.65 15.35
CA VAL B 261 -3.83 37.90 14.66
C VAL B 261 -5.00 37.90 15.64
N PHE B 262 -4.92 37.09 16.68
CA PHE B 262 -6.01 36.97 17.64
C PHE B 262 -5.87 37.91 18.83
N ALA B 263 -4.67 38.42 19.10
CA ALA B 263 -4.45 39.37 20.19
C ALA B 263 -4.77 40.82 19.80
N LYS B 264 -4.96 41.13 18.52
CA LYS B 264 -5.39 42.45 18.08
C LYS B 264 -6.90 42.62 18.10
N GLU B 265 -7.64 41.65 18.64
CA GLU B 265 -9.10 41.64 18.58
C GLU B 265 -9.65 41.71 20.00
N PRO B 266 -10.26 42.83 20.43
CA PRO B 266 -10.70 42.95 21.82
C PRO B 266 -12.03 42.26 22.13
N GLU B 267 -12.83 41.93 21.11
CA GLU B 267 -14.00 41.07 21.32
C GLU B 267 -13.61 39.87 22.17
N TYR B 268 -12.63 39.10 21.69
CA TYR B 268 -12.23 37.86 22.35
C TYR B 268 -11.28 38.11 23.52
N MET B 269 -10.49 39.18 23.47
CA MET B 269 -9.57 39.44 24.58
C MET B 269 -10.30 39.85 25.86
N GLU B 270 -11.45 40.52 25.76
CA GLU B 270 -12.25 40.79 26.94
C GLU B 270 -12.82 39.50 27.53
N LYS B 271 -13.29 38.58 26.67
CA LYS B 271 -13.94 37.36 27.13
C LYS B 271 -13.02 36.45 27.95
N ILE B 272 -11.71 36.58 27.81
CA ILE B 272 -10.74 35.77 28.54
C ILE B 272 -9.93 36.60 29.52
N GLY B 273 -10.24 37.89 29.67
CA GLY B 273 -9.62 38.71 30.69
C GLY B 273 -8.17 39.07 30.41
N LEU B 274 -7.91 39.57 29.21
CA LEU B 274 -6.59 40.06 28.81
C LEU B 274 -6.75 41.37 28.05
N THR B 275 -5.72 42.20 28.15
CA THR B 275 -5.70 43.42 27.37
C THR B 275 -5.12 43.13 25.99
N PRO B 276 -5.48 43.94 24.98
CA PRO B 276 -4.94 43.74 23.62
C PRO B 276 -3.41 43.78 23.58
N GLY B 277 -2.86 43.46 22.41
CA GLY B 277 -1.43 43.50 22.18
C GLY B 277 -0.64 42.38 22.81
N LEU B 278 0.42 41.91 22.13
CA LEU B 278 1.30 40.85 22.63
C LEU B 278 2.39 41.31 23.61
N PRO B 279 2.91 42.55 23.54
CA PRO B 279 3.86 42.98 24.58
C PRO B 279 3.26 42.79 25.97
N GLY B 280 4.09 42.27 26.88
CA GLY B 280 3.74 42.19 28.28
C GLY B 280 3.10 40.89 28.75
N LYS B 281 2.41 40.15 27.87
CA LYS B 281 1.80 38.90 28.29
C LYS B 281 2.87 37.90 28.75
N THR B 282 2.40 36.81 29.35
CA THR B 282 3.28 35.78 29.90
C THR B 282 3.00 34.46 29.21
N VAL B 283 4.05 33.65 29.04
CA VAL B 283 4.05 32.49 28.16
C VAL B 283 4.73 31.33 28.89
N ILE B 284 4.10 30.15 28.84
CA ILE B 284 4.74 28.91 29.29
C ILE B 284 4.85 27.99 28.08
N ILE B 285 6.06 27.46 27.87
CA ILE B 285 6.39 26.64 26.70
C ILE B 285 6.51 25.20 27.17
N GLN B 286 5.63 24.33 26.67
CA GLN B 286 5.75 22.89 26.94
C GLN B 286 6.56 22.27 25.82
N GLY B 287 7.89 22.24 26.00
CA GLY B 287 8.79 21.67 25.01
C GLY B 287 9.83 22.67 24.53
N PHE B 288 11.07 22.21 24.31
CA PHE B 288 12.17 23.06 23.86
C PHE B 288 12.89 22.44 22.67
N GLY B 289 12.15 21.82 21.76
CA GLY B 289 12.68 21.40 20.47
C GLY B 289 12.84 22.59 19.55
N ASN B 290 12.70 22.33 18.25
CA ASN B 290 12.80 23.42 17.28
C ASN B 290 11.62 24.38 17.41
N VAL B 291 10.39 23.85 17.45
CA VAL B 291 9.21 24.71 17.49
C VAL B 291 9.18 25.54 18.78
N GLY B 292 9.46 24.90 19.93
CA GLY B 292 9.49 25.64 21.18
C GLY B 292 10.55 26.72 21.18
N LEU B 293 11.76 26.39 20.73
CA LEU B 293 12.89 27.33 20.76
C LEU B 293 12.59 28.58 19.96
N HIS B 294 12.15 28.42 18.69
CA HIS B 294 11.96 29.58 17.82
C HIS B 294 10.69 30.34 18.18
N THR B 295 9.70 29.65 18.77
CA THR B 295 8.55 30.35 19.36
C THR B 295 8.99 31.24 20.52
N MET B 296 9.77 30.67 21.46
CA MET B 296 10.38 31.48 22.51
C MET B 296 11.09 32.70 21.93
N ARG B 297 11.80 32.52 20.82
CA ARG B 297 12.56 33.62 20.24
C ARG B 297 11.63 34.71 19.67
N TYR B 298 10.63 34.33 18.88
CA TYR B 298 9.80 35.34 18.24
C TYR B 298 8.88 36.04 19.24
N LEU B 299 8.52 35.34 20.32
CA LEU B 299 7.72 35.96 21.36
C LEU B 299 8.53 36.96 22.19
N HIS B 300 9.76 36.60 22.60
CA HIS B 300 10.63 37.55 23.29
C HIS B 300 10.80 38.82 22.46
N ARG B 301 11.10 38.68 21.17
CA ARG B 301 11.03 39.80 20.25
C ARG B 301 9.60 40.34 20.18
N ALA B 302 9.47 41.66 20.24
CA ALA B 302 8.17 42.32 20.19
C ALA B 302 7.31 42.05 21.41
N GLY B 303 7.92 41.75 22.56
CA GLY B 303 7.40 42.23 23.85
C GLY B 303 6.90 41.21 24.88
N SER B 304 6.96 39.89 24.67
CA SER B 304 6.35 38.99 25.63
C SER B 304 7.33 38.55 26.72
N LYS B 305 6.78 37.85 27.72
CA LYS B 305 7.52 37.42 28.91
C LYS B 305 7.39 35.91 29.05
N VAL B 306 8.41 35.16 28.61
CA VAL B 306 8.42 33.71 28.73
C VAL B 306 8.79 33.34 30.16
N VAL B 307 7.81 32.90 30.94
CA VAL B 307 8.02 32.71 32.37
C VAL B 307 8.30 31.26 32.75
N GLY B 308 8.01 30.30 31.88
CA GLY B 308 8.23 28.91 32.23
C GLY B 308 8.52 28.03 31.04
N ILE B 309 9.54 27.18 31.15
CA ILE B 309 9.83 26.16 30.15
C ILE B 309 9.74 24.81 30.84
N GLN B 310 8.87 23.94 30.33
CA GLN B 310 8.70 22.58 30.83
C GLN B 310 9.17 21.60 29.76
N GLU B 311 10.19 20.80 30.10
CA GLU B 311 10.72 19.77 29.21
C GLU B 311 10.28 18.39 29.69
N TRP B 312 10.89 17.34 29.13
CA TRP B 312 10.43 15.98 29.38
C TRP B 312 10.89 15.42 30.73
N ASP B 313 11.95 15.99 31.32
CA ASP B 313 12.46 15.53 32.62
C ASP B 313 12.78 16.65 33.59
N CYS B 314 12.49 17.91 33.26
CA CYS B 314 12.85 19.04 34.11
C CYS B 314 12.05 20.25 33.66
N ALA B 315 12.08 21.30 34.50
CA ALA B 315 11.31 22.49 34.24
C ALA B 315 11.90 23.65 35.03
N ILE B 316 12.00 24.81 34.39
CA ILE B 316 12.51 26.03 35.01
C ILE B 316 11.46 27.12 34.88
N HIS B 317 11.44 28.05 35.84
CA HIS B 317 10.50 29.16 35.82
C HIS B 317 11.19 30.43 36.29
N ASN B 318 10.57 31.57 35.96
CA ASN B 318 11.06 32.87 36.36
C ASN B 318 9.95 33.90 36.14
N PRO B 319 9.47 34.55 37.21
CA PRO B 319 8.43 35.58 37.03
C PRO B 319 8.95 36.84 36.35
N ALA B 320 10.27 36.95 36.20
CA ALA B 320 10.92 38.11 35.60
C ALA B 320 11.46 37.81 34.19
N GLY B 321 11.15 36.64 33.62
CA GLY B 321 11.47 36.27 32.25
C GLY B 321 12.79 35.54 32.12
N ILE B 322 12.86 34.68 31.09
CA ILE B 322 14.08 33.95 30.73
C ILE B 322 14.59 34.53 29.41
N HIS B 323 15.91 34.72 29.30
CA HIS B 323 16.50 35.27 28.08
C HIS B 323 16.89 34.15 27.13
N PRO B 324 16.38 34.14 25.88
CA PRO B 324 16.51 32.93 25.05
C PRO B 324 17.92 32.63 24.58
N LYS B 325 18.71 33.64 24.20
CA LYS B 325 20.10 33.37 23.84
C LYS B 325 20.84 32.66 24.97
N GLU B 326 20.57 33.06 26.21
CA GLU B 326 21.31 32.51 27.35
C GLU B 326 20.87 31.08 27.66
N LEU B 327 19.57 30.80 27.53
CA LEU B 327 19.06 29.46 27.82
C LEU B 327 19.45 28.45 26.75
N GLU B 328 19.49 28.88 25.48
CA GLU B 328 19.97 27.98 24.43
C GLU B 328 21.46 27.74 24.53
N ASP B 329 22.24 28.80 24.81
CA ASP B 329 23.67 28.64 25.04
C ASP B 329 23.95 27.73 26.23
N TRP B 330 23.19 27.93 27.32
CA TRP B 330 23.32 27.07 28.48
C TRP B 330 23.08 25.59 28.13
N ARG B 331 22.02 25.30 27.38
CA ARG B 331 21.66 23.91 27.09
C ARG B 331 22.63 23.26 26.11
N ASP B 332 23.19 24.03 25.18
CA ASP B 332 24.18 23.47 24.25
C ASP B 332 25.44 23.06 24.98
N GLN B 333 25.86 23.85 25.98
CA GLN B 333 27.08 23.54 26.72
C GLN B 333 26.90 22.33 27.62
N THR B 334 25.72 22.17 28.24
CA THR B 334 25.52 21.16 29.26
C THR B 334 24.60 20.01 28.83
N GLY B 335 23.79 20.19 27.78
CA GLY B 335 22.90 19.14 27.33
C GLY B 335 21.54 19.13 27.97
N SER B 336 21.18 20.17 28.73
CA SER B 336 19.90 20.25 29.41
C SER B 336 19.67 21.70 29.83
N ILE B 337 18.40 22.04 30.03
CA ILE B 337 18.02 23.36 30.55
C ILE B 337 18.01 23.39 32.07
N LYS B 338 18.30 22.26 32.72
CA LYS B 338 18.39 22.19 34.18
C LYS B 338 19.44 23.17 34.70
N ASN B 339 19.13 23.78 35.86
CA ASN B 339 20.09 24.59 36.62
C ASN B 339 20.50 25.87 35.88
N PHE B 340 19.57 26.46 35.13
CA PHE B 340 19.90 27.64 34.35
C PHE B 340 20.19 28.82 35.28
N PRO B 341 21.36 29.46 35.17
CA PRO B 341 21.68 30.56 36.10
C PRO B 341 20.75 31.75 36.00
N GLY B 342 20.11 31.98 34.85
CA GLY B 342 19.11 33.02 34.76
C GLY B 342 17.73 32.66 35.28
N ALA B 343 17.57 31.45 35.83
CA ALA B 343 16.26 30.92 36.21
C ALA B 343 16.42 30.09 37.47
N LYS B 344 15.36 29.35 37.82
CA LYS B 344 15.35 28.40 38.93
C LYS B 344 14.50 27.20 38.53
N ASN B 345 14.66 26.09 39.25
CA ASN B 345 13.96 24.85 38.90
C ASN B 345 12.59 24.78 39.57
N PHE B 346 11.63 24.18 38.88
CA PHE B 346 10.24 24.09 39.34
C PHE B 346 9.97 22.71 39.91
N GLU B 347 9.18 22.66 41.01
CA GLU B 347 9.19 21.54 41.95
C GLU B 347 8.69 20.22 41.34
N PRO B 348 7.35 19.96 41.13
CA PRO B 348 7.00 18.81 40.27
C PRO B 348 7.04 19.24 38.81
N PHE B 349 8.03 18.71 38.07
CA PHE B 349 8.43 19.30 36.80
C PHE B 349 7.32 19.26 35.75
N GLY B 350 6.43 18.28 35.82
CA GLY B 350 5.33 18.18 34.90
C GLY B 350 4.14 19.06 35.19
N ASP B 351 4.22 19.88 36.25
CA ASP B 351 3.11 20.73 36.69
C ASP B 351 3.33 22.20 36.35
N LEU B 352 4.38 22.53 35.60
CA LEU B 352 4.60 23.91 35.16
C LEU B 352 3.51 24.39 34.21
N ILE B 353 2.85 23.46 33.50
CA ILE B 353 1.77 23.80 32.57
C ILE B 353 0.44 24.07 33.25
N TYR B 354 0.34 23.90 34.57
CA TYR B 354 -0.90 24.16 35.31
C TYR B 354 -0.88 25.48 36.08
N GLU B 355 0.22 26.23 36.00
CA GLU B 355 0.37 27.50 36.71
C GLU B 355 -0.25 28.65 35.91
N ALA B 356 -0.52 29.73 36.64
CA ALA B 356 -1.09 30.92 36.00
C ALA B 356 -0.14 31.45 34.93
N CYS B 357 -0.72 31.97 33.85
CA CYS B 357 -0.05 32.51 32.68
C CYS B 357 -1.13 32.96 31.70
N ASP B 358 -0.77 33.89 30.81
CA ASP B 358 -1.72 34.35 29.81
C ASP B 358 -1.78 33.42 28.60
N ILE B 359 -0.67 32.80 28.22
CA ILE B 359 -0.59 31.95 27.05
C ILE B 359 0.19 30.69 27.41
N LEU B 360 -0.36 29.53 27.08
CA LEU B 360 0.39 28.28 27.09
C LEU B 360 0.60 27.80 25.67
N VAL B 361 1.81 27.32 25.40
CA VAL B 361 2.22 26.87 24.07
C VAL B 361 2.69 25.42 24.16
N PRO B 362 1.77 24.46 24.15
CA PRO B 362 2.19 23.04 24.08
C PRO B 362 2.91 22.76 22.77
N ALA B 363 4.15 22.28 22.89
CA ALA B 363 4.99 21.97 21.74
C ALA B 363 5.81 20.73 22.01
N ALA B 364 5.18 19.72 22.62
CA ALA B 364 5.82 18.43 22.87
C ALA B 364 4.98 17.37 22.14
N CYS B 365 4.37 16.45 22.86
CA CYS B 365 3.68 15.33 22.23
C CYS B 365 2.17 15.55 22.24
N GLU B 366 1.48 14.65 21.53
CA GLU B 366 0.04 14.69 21.40
C GLU B 366 -0.64 14.35 22.73
N LYS B 367 -1.89 14.79 22.86
CA LYS B 367 -2.71 14.54 24.05
C LYS B 367 -2.07 15.05 25.33
N ALA B 368 -1.36 16.19 25.22
CA ALA B 368 -0.75 16.83 26.38
C ALA B 368 -1.79 17.39 27.35
N ILE B 369 -2.99 17.71 26.86
CA ILE B 369 -4.10 18.13 27.69
C ILE B 369 -5.25 17.16 27.43
N HIS B 370 -5.71 16.49 28.49
CA HIS B 370 -6.78 15.50 28.34
C HIS B 370 -7.92 15.74 29.34
N LYS B 371 -8.80 14.75 29.49
CA LYS B 371 -10.03 14.94 30.27
C LYS B 371 -9.74 15.10 31.76
N GLU B 372 -8.66 14.49 32.26
CA GLU B 372 -8.36 14.50 33.68
C GLU B 372 -7.59 15.74 34.14
N ASN B 373 -6.79 16.36 33.27
CA ASN B 373 -6.04 17.56 33.64
C ASN B 373 -6.54 18.83 32.96
N ALA B 374 -7.56 18.73 32.09
CA ALA B 374 -8.08 19.92 31.42
C ALA B 374 -8.56 20.96 32.43
N GLY B 375 -9.17 20.51 33.52
CA GLY B 375 -9.63 21.44 34.53
C GLY B 375 -8.50 22.26 35.13
N ARG B 376 -7.32 21.67 35.27
CA ARG B 376 -6.21 22.33 35.97
C ARG B 376 -5.48 23.36 35.10
N ILE B 377 -5.82 23.48 33.82
CA ILE B 377 -5.20 24.50 32.98
C ILE B 377 -5.73 25.88 33.37
N GLN B 378 -4.81 26.81 33.64
CA GLN B 378 -5.17 28.17 34.04
C GLN B 378 -4.98 29.21 32.93
N ALA B 379 -4.39 28.83 31.80
CA ALA B 379 -4.05 29.79 30.76
C ALA B 379 -5.31 30.41 30.15
N LYS B 380 -5.16 31.65 29.66
CA LYS B 380 -6.25 32.34 28.97
C LYS B 380 -6.29 32.03 27.48
N ILE B 381 -5.14 31.74 26.85
CA ILE B 381 -5.05 31.30 25.46
C ILE B 381 -4.12 30.11 25.38
N ILE B 382 -4.51 29.11 24.59
CA ILE B 382 -3.64 27.97 24.28
C ILE B 382 -3.38 27.99 22.77
N ALA B 383 -2.10 28.10 22.39
CA ALA B 383 -1.66 28.23 21.00
C ALA B 383 -1.00 26.93 20.56
N GLU B 384 -1.82 25.96 20.18
CA GLU B 384 -1.40 24.58 19.95
C GLU B 384 -0.25 24.45 18.95
N ALA B 385 0.99 24.50 19.42
CA ALA B 385 2.16 24.44 18.55
C ALA B 385 2.61 23.00 18.26
N ALA B 386 1.75 22.01 18.49
CA ALA B 386 2.06 20.61 18.19
C ALA B 386 0.86 19.96 17.50
N ASN B 387 1.06 18.74 17.00
CA ASN B 387 -0.02 17.96 16.38
C ASN B 387 -0.99 17.44 17.45
N GLY B 388 -2.19 18.01 17.51
CA GLY B 388 -3.23 17.57 18.41
C GLY B 388 -2.86 17.49 19.88
N PRO B 389 -2.51 18.62 20.51
CA PRO B 389 -2.17 18.58 21.94
C PRO B 389 -3.37 18.53 22.89
N THR B 390 -4.59 18.81 22.42
CA THR B 390 -5.80 18.81 23.24
C THR B 390 -6.77 17.78 22.70
N THR B 391 -7.32 16.94 23.59
CA THR B 391 -8.32 15.96 23.21
C THR B 391 -9.70 16.61 23.12
N PRO B 392 -10.65 15.95 22.43
CA PRO B 392 -12.03 16.46 22.42
C PRO B 392 -12.60 16.72 23.80
N ALA B 393 -12.39 15.80 24.75
CA ALA B 393 -12.90 15.95 26.11
C ALA B 393 -12.31 17.20 26.79
N ALA B 394 -11.01 17.42 26.62
CA ALA B 394 -10.37 18.60 27.18
C ALA B 394 -10.84 19.89 26.48
N ASP B 395 -10.91 19.85 25.15
CA ASP B 395 -11.45 20.99 24.39
C ASP B 395 -12.86 21.36 24.87
N LYS B 396 -13.68 20.34 25.16
CA LYS B 396 -15.05 20.56 25.61
C LYS B 396 -15.09 21.16 27.02
N ILE B 397 -14.27 20.65 27.93
CA ILE B 397 -14.20 21.19 29.28
C ILE B 397 -13.86 22.67 29.25
N LEU B 398 -12.90 23.07 28.41
CA LEU B 398 -12.44 24.45 28.36
C LEU B 398 -13.41 25.37 27.63
N LEU B 399 -14.14 24.83 26.65
CA LEU B 399 -15.15 25.62 25.95
C LEU B 399 -16.32 25.98 26.85
N GLU B 400 -16.66 25.09 27.79
CA GLU B 400 -17.77 25.35 28.71
C GLU B 400 -17.37 26.24 29.87
N ARG B 401 -16.08 26.41 30.14
CA ARG B 401 -15.66 27.32 31.20
C ARG B 401 -15.76 28.78 30.77
N GLY B 402 -15.81 29.05 29.47
CA GLY B 402 -16.06 30.37 28.94
C GLY B 402 -14.90 31.35 29.00
N ASN B 403 -13.77 30.97 29.61
CA ASN B 403 -12.68 31.90 29.86
C ASN B 403 -11.38 31.44 29.19
N CYS B 404 -11.47 30.72 28.08
CA CYS B 404 -10.30 30.12 27.45
C CYS B 404 -10.48 30.08 25.94
N LEU B 405 -9.52 30.66 25.21
CA LEU B 405 -9.51 30.65 23.75
C LEU B 405 -8.41 29.71 23.25
N ILE B 406 -8.79 28.61 22.61
CA ILE B 406 -7.84 27.69 22.02
C ILE B 406 -7.68 28.04 20.55
N ILE B 407 -6.46 28.35 20.13
CA ILE B 407 -6.15 28.66 18.74
C ILE B 407 -5.74 27.35 18.06
N PRO B 408 -6.46 26.90 17.05
CA PRO B 408 -6.33 25.51 16.62
C PRO B 408 -4.98 25.23 15.97
N ASP B 409 -4.50 24.02 16.21
CA ASP B 409 -3.18 23.62 15.71
C ASP B 409 -3.14 23.64 14.19
N MET B 410 -4.18 23.11 13.53
CA MET B 410 -4.02 22.93 12.09
C MET B 410 -3.95 24.24 11.34
N TYR B 411 -4.26 25.37 11.99
CA TYR B 411 -3.95 26.68 11.44
C TYR B 411 -2.63 27.25 11.97
N VAL B 412 -2.45 27.29 13.29
CA VAL B 412 -1.43 28.16 13.89
C VAL B 412 -0.01 27.60 13.83
N ASN B 413 0.19 26.29 13.71
CA ASN B 413 1.54 25.79 13.47
C ASN B 413 1.68 25.26 12.05
N SER B 414 1.11 25.99 11.10
CA SER B 414 1.21 25.65 9.68
C SER B 414 2.11 26.61 8.91
N GLY B 415 2.86 27.47 9.60
CA GLY B 415 3.76 28.37 8.92
C GLY B 415 4.82 27.65 8.11
N GLY B 416 5.32 26.52 8.63
CA GLY B 416 6.31 25.75 7.88
C GLY B 416 5.73 25.12 6.63
N VAL B 417 4.42 24.85 6.61
CA VAL B 417 3.79 24.29 5.43
C VAL B 417 3.81 25.31 4.31
N THR B 418 3.57 26.57 4.66
CA THR B 418 3.64 27.68 3.73
C THR B 418 5.02 27.78 3.09
N VAL B 419 6.09 27.66 3.88
CA VAL B 419 7.43 27.81 3.35
C VAL B 419 7.81 26.58 2.50
N SER B 420 7.25 25.41 2.78
CA SER B 420 7.60 24.26 1.96
C SER B 420 7.01 24.39 0.56
N TYR B 421 5.83 25.03 0.44
CA TYR B 421 5.27 25.40 -0.85
C TYR B 421 6.22 26.31 -1.64
N PHE B 422 6.80 27.31 -0.98
CA PHE B 422 7.70 28.22 -1.68
C PHE B 422 8.97 27.50 -2.16
N GLU B 423 9.50 26.57 -1.37
CA GLU B 423 10.67 25.81 -1.83
C GLU B 423 10.37 25.00 -3.10
N TRP B 424 9.20 24.35 -3.15
CA TRP B 424 8.78 23.61 -4.34
C TRP B 424 8.66 24.53 -5.56
N LEU B 425 8.02 25.70 -5.39
CA LEU B 425 7.97 26.67 -6.47
C LEU B 425 9.35 27.10 -6.93
N LYS B 426 10.27 27.33 -5.97
CA LYS B 426 11.63 27.73 -6.33
C LYS B 426 12.32 26.69 -7.21
N ASN B 427 12.18 25.41 -6.89
CA ASN B 427 12.81 24.41 -7.72
C ASN B 427 12.14 24.31 -9.08
N LEU B 428 10.81 24.50 -9.13
CA LEU B 428 10.15 24.60 -10.44
C LEU B 428 10.58 25.85 -11.21
N ASN B 429 10.89 26.96 -10.51
CA ASN B 429 11.34 28.19 -11.17
C ASN B 429 12.79 28.13 -11.66
N HIS B 430 13.63 27.30 -11.02
CA HIS B 430 15.06 27.17 -11.37
C HIS B 430 15.87 28.45 -11.09
N VAL B 431 15.42 29.31 -10.17
CA VAL B 431 16.13 30.51 -9.77
C VAL B 431 15.71 30.86 -8.35
N SER B 432 16.63 31.40 -7.57
CA SER B 432 16.29 31.84 -6.22
C SER B 432 15.47 33.12 -6.28
N TYR B 433 14.63 33.33 -5.27
CA TYR B 433 13.77 34.53 -5.27
C TYR B 433 14.61 35.80 -5.11
N GLY B 434 14.24 36.84 -5.87
CA GLY B 434 14.93 38.12 -5.84
C GLY B 434 16.10 38.26 -6.79
N ARG B 435 16.61 37.15 -7.35
CA ARG B 435 17.82 37.16 -8.16
C ARG B 435 17.77 38.22 -9.26
N LEU B 436 16.61 38.42 -9.86
CA LEU B 436 16.49 39.34 -10.97
C LEU B 436 15.74 40.63 -10.62
N SER B 437 15.50 40.89 -9.33
CA SER B 437 14.73 42.07 -8.98
C SER B 437 15.30 42.90 -7.83
N PHE B 438 16.21 42.39 -7.00
CA PHE B 438 16.73 43.17 -5.88
C PHE B 438 17.44 44.44 -6.36
N LYS B 439 18.39 44.30 -7.27
CA LYS B 439 19.13 45.47 -7.76
C LYS B 439 18.22 46.42 -8.52
N TYR B 440 17.33 45.86 -9.35
CA TYR B 440 16.37 46.68 -10.08
C TYR B 440 15.50 47.54 -9.14
N GLU B 441 15.03 46.98 -8.01
CA GLU B 441 14.16 47.74 -7.11
C GLU B 441 14.97 48.76 -6.31
N GLU B 442 16.17 48.39 -5.88
CA GLU B 442 17.00 49.32 -5.15
C GLU B 442 17.30 50.55 -5.99
N ASP B 443 17.67 50.35 -7.27
CA ASP B 443 17.92 51.50 -8.14
C ASP B 443 16.66 52.33 -8.35
N ALA B 444 15.50 51.69 -8.46
CA ALA B 444 14.26 52.44 -8.60
C ALA B 444 14.00 53.30 -7.36
N ASN B 445 14.22 52.73 -6.16
CA ASN B 445 13.91 53.46 -4.93
C ASN B 445 14.84 54.66 -4.74
N LEU B 446 16.12 54.52 -5.08
CA LEU B 446 17.05 55.63 -5.00
C LEU B 446 16.67 56.75 -5.98
N MET B 447 16.24 56.38 -7.18
CA MET B 447 15.80 57.41 -8.13
C MET B 447 14.48 58.04 -7.68
N LEU B 448 13.66 57.29 -6.94
CA LEU B 448 12.45 57.87 -6.40
C LEU B 448 12.78 58.84 -5.27
N LEU B 449 13.67 58.44 -4.36
CA LEU B 449 14.08 59.31 -3.27
C LEU B 449 14.81 60.55 -3.79
N GLN B 450 15.59 60.40 -4.87
CA GLN B 450 16.27 61.56 -5.45
C GLN B 450 15.30 62.49 -6.16
N SER B 451 14.22 61.97 -6.76
CA SER B 451 13.20 62.84 -7.35
C SER B 451 12.45 63.64 -6.27
N VAL B 452 12.19 63.02 -5.11
CA VAL B 452 11.55 63.72 -4.02
C VAL B 452 12.49 64.80 -3.47
N GLN B 453 13.78 64.50 -3.41
CA GLN B 453 14.74 65.48 -2.93
C GLN B 453 14.81 66.71 -3.84
N ASP B 454 14.83 66.50 -5.17
CA ASP B 454 14.90 67.65 -6.09
C ASP B 454 13.65 68.51 -5.98
N SER B 455 12.46 67.88 -5.88
CA SER B 455 11.21 68.66 -5.81
C SER B 455 11.08 69.41 -4.49
N LEU B 456 11.62 68.84 -3.40
CA LEU B 456 11.54 69.47 -2.09
C LEU B 456 12.52 70.63 -1.98
N GLU B 457 13.75 70.46 -2.47
CA GLU B 457 14.71 71.56 -2.48
C GLU B 457 14.22 72.71 -3.34
N LYS B 458 13.55 72.42 -4.46
CA LYS B 458 12.96 73.50 -5.25
C LYS B 458 11.85 74.22 -4.49
N ALA B 459 11.03 73.48 -3.73
CA ALA B 459 9.89 74.10 -3.08
C ALA B 459 10.28 74.96 -1.89
N ILE B 460 11.28 74.56 -1.10
CA ILE B 460 11.67 75.28 0.10
C ILE B 460 12.99 76.02 -0.07
N GLY B 461 13.65 75.89 -1.22
CA GLY B 461 14.78 76.74 -1.57
C GLY B 461 15.99 76.59 -0.68
N LYS B 462 16.22 75.40 -0.14
CA LYS B 462 17.48 75.09 0.53
C LYS B 462 17.82 73.62 0.30
N GLU B 463 19.04 73.27 0.67
CA GLU B 463 19.44 71.86 0.74
C GLU B 463 18.59 71.11 1.76
N ALA B 464 18.09 69.95 1.36
CA ALA B 464 17.26 69.13 2.23
C ALA B 464 17.40 67.67 1.79
N PRO B 465 18.31 66.93 2.42
CA PRO B 465 18.59 65.55 1.96
C PRO B 465 17.40 64.63 2.21
N VAL B 466 17.06 63.82 1.20
CA VAL B 466 16.03 62.78 1.30
C VAL B 466 16.72 61.43 1.08
N ARG B 467 16.87 60.66 2.14
CA ARG B 467 17.57 59.38 2.14
C ARG B 467 16.77 58.34 2.90
N PRO B 468 17.13 57.05 2.77
CA PRO B 468 16.47 56.03 3.60
C PRO B 468 16.77 56.25 5.07
N ASN B 469 15.77 56.07 5.92
CA ASN B 469 16.06 56.15 7.35
C ASN B 469 16.80 54.88 7.80
N ALA B 470 17.05 54.78 9.11
CA ALA B 470 17.88 53.70 9.63
C ALA B 470 17.29 52.33 9.32
N GLN B 471 16.00 52.15 9.59
CA GLN B 471 15.37 50.84 9.39
C GLN B 471 15.28 50.49 7.92
N PHE B 472 14.94 51.46 7.06
CA PHE B 472 14.88 51.17 5.63
C PHE B 472 16.26 50.91 5.05
N ALA B 473 17.28 51.66 5.50
CA ALA B 473 18.64 51.40 5.02
C ALA B 473 19.10 50.00 5.40
N ALA B 474 18.77 49.55 6.62
CA ALA B 474 19.17 48.22 7.06
C ALA B 474 18.51 47.13 6.20
N LYS B 475 17.21 47.28 5.90
CA LYS B 475 16.51 46.31 5.06
C LYS B 475 17.07 46.27 3.65
N ILE B 476 17.43 47.44 3.10
CA ILE B 476 18.02 47.47 1.77
C ILE B 476 19.34 46.73 1.76
N ALA B 477 20.17 46.98 2.78
CA ALA B 477 21.50 46.38 2.84
C ALA B 477 21.43 44.87 3.01
N GLY B 478 20.43 44.37 3.73
CA GLY B 478 20.32 42.95 4.01
C GLY B 478 19.38 42.17 3.12
N ALA B 479 18.84 42.78 2.05
CA ALA B 479 17.82 42.17 1.22
C ALA B 479 18.29 40.81 0.68
N SER B 480 17.47 39.79 0.90
CA SER B 480 17.81 38.41 0.57
C SER B 480 16.52 37.58 0.46
N GLU B 481 16.66 36.38 -0.11
CA GLU B 481 15.53 35.51 -0.35
C GLU B 481 14.69 35.29 0.90
N LYS B 482 15.35 35.16 2.05
CA LYS B 482 14.60 34.97 3.30
C LYS B 482 13.61 36.10 3.58
N ASP B 483 13.85 37.32 3.03
CA ASP B 483 12.89 38.40 3.26
C ASP B 483 11.63 38.20 2.44
N ILE B 484 11.78 37.82 1.17
CA ILE B 484 10.63 37.45 0.34
C ILE B 484 9.84 36.31 0.96
N VAL B 485 10.54 35.32 1.56
CA VAL B 485 9.87 34.17 2.17
C VAL B 485 9.09 34.58 3.41
N HIS B 486 9.68 35.43 4.26
CA HIS B 486 8.99 35.93 5.46
C HIS B 486 7.72 36.69 5.09
N SER B 487 7.81 37.52 4.08
CA SER B 487 6.64 38.31 3.69
C SER B 487 5.52 37.41 3.17
N GLY B 488 5.88 36.37 2.41
CA GLY B 488 4.87 35.44 1.93
C GLY B 488 4.18 34.70 3.06
N LEU B 489 4.94 34.21 4.04
CA LEU B 489 4.37 33.54 5.21
C LEU B 489 3.43 34.47 5.98
N GLU B 490 3.84 35.72 6.19
CA GLU B 490 3.05 36.64 7.00
C GLU B 490 1.75 37.02 6.30
N TYR B 491 1.82 37.26 4.99
CA TYR B 491 0.61 37.48 4.20
C TYR B 491 -0.39 36.33 4.38
N THR B 492 0.11 35.08 4.35
CA THR B 492 -0.77 33.91 4.38
C THR B 492 -1.39 33.69 5.76
N MET B 493 -0.58 33.71 6.82
CA MET B 493 -1.13 33.54 8.17
C MET B 493 -2.16 34.62 8.52
N ALA B 494 -1.97 35.86 8.03
CA ALA B 494 -2.94 36.92 8.28
C ALA B 494 -4.24 36.69 7.51
N ARG B 495 -4.16 36.47 6.19
CA ARG B 495 -5.35 36.11 5.42
C ARG B 495 -6.09 34.91 6.02
N SER B 496 -5.36 33.84 6.35
CA SER B 496 -6.03 32.62 6.79
C SER B 496 -6.64 32.80 8.17
N GLY B 497 -5.92 33.47 9.07
CA GLY B 497 -6.46 33.73 10.38
C GLY B 497 -7.71 34.58 10.36
N GLU B 498 -7.83 35.47 9.38
CA GLU B 498 -9.00 36.33 9.33
C GLU B 498 -10.20 35.62 8.72
N ALA B 499 -9.98 34.67 7.81
CA ALA B 499 -11.10 33.87 7.29
C ALA B 499 -11.67 32.93 8.33
N ILE B 500 -10.87 32.53 9.33
CA ILE B 500 -11.40 31.71 10.40
C ILE B 500 -12.19 32.58 11.40
N ILE B 501 -11.75 33.83 11.62
CA ILE B 501 -12.51 34.72 12.49
C ILE B 501 -13.88 35.02 11.88
N ARG B 502 -13.94 35.15 10.56
CA ARG B 502 -15.21 35.43 9.88
C ARG B 502 -16.23 34.33 10.11
N THR B 503 -15.82 33.08 9.92
CA THR B 503 -16.77 31.97 10.02
C THR B 503 -17.30 31.79 11.44
N ALA B 504 -16.40 31.86 12.44
CA ALA B 504 -16.82 31.74 13.84
C ALA B 504 -17.80 32.83 14.26
N ARG B 505 -17.66 34.04 13.72
CA ARG B 505 -18.68 35.07 13.93
C ARG B 505 -19.96 34.76 13.15
N LYS B 506 -19.81 34.34 11.88
CA LYS B 506 -20.95 34.02 11.03
C LYS B 506 -21.93 33.05 11.70
N TYR B 507 -21.43 31.96 12.26
CA TYR B 507 -22.29 30.94 12.85
C TYR B 507 -22.28 30.99 14.37
N ASN B 508 -21.95 32.15 14.94
CA ASN B 508 -21.94 32.38 16.40
C ASN B 508 -21.20 31.27 17.14
N LEU B 509 -20.02 30.91 16.61
CA LEU B 509 -19.24 29.86 17.24
C LEU B 509 -18.46 30.36 18.47
N GLY B 510 -18.41 31.68 18.69
CA GLY B 510 -17.82 32.23 19.89
C GLY B 510 -16.31 32.02 19.99
N LEU B 511 -15.87 31.29 21.01
CA LEU B 511 -14.47 30.95 21.21
C LEU B 511 -14.09 29.60 20.59
N ASP B 512 -14.98 28.97 19.81
CA ASP B 512 -14.71 27.67 19.20
C ASP B 512 -14.13 27.83 17.79
N MET B 513 -12.87 28.27 17.75
CA MET B 513 -12.22 28.54 16.49
C MET B 513 -11.76 27.28 15.79
N ARG B 514 -11.61 26.19 16.54
CA ARG B 514 -11.22 24.94 15.90
C ARG B 514 -12.31 24.46 14.96
N THR B 515 -13.57 24.52 15.39
CA THR B 515 -14.66 24.12 14.51
C THR B 515 -14.72 24.98 13.25
N ALA B 516 -14.41 26.29 13.40
CA ALA B 516 -14.45 27.18 12.25
C ALA B 516 -13.33 26.88 11.26
N ALA B 517 -12.13 26.55 11.77
CA ALA B 517 -11.02 26.21 10.89
C ALA B 517 -11.28 24.91 10.13
N TYR B 518 -11.80 23.88 10.81
CA TYR B 518 -12.14 22.65 10.10
C TYR B 518 -13.24 22.90 9.06
N ALA B 519 -14.20 23.76 9.38
CA ALA B 519 -15.25 24.07 8.40
C ALA B 519 -14.68 24.74 7.15
N ASN B 520 -13.83 25.76 7.31
CA ASN B 520 -13.23 26.43 6.14
C ASN B 520 -12.40 25.43 5.31
N SER B 521 -11.65 24.53 5.97
CA SER B 521 -10.79 23.59 5.27
C SER B 521 -11.58 22.51 4.51
N ILE B 522 -12.60 21.94 5.15
CA ILE B 522 -13.45 20.94 4.50
C ILE B 522 -14.15 21.56 3.29
N GLU B 523 -14.54 22.82 3.40
CA GLU B 523 -15.27 23.47 2.33
C GLU B 523 -14.41 23.66 1.09
N LYS B 524 -13.12 24.01 1.26
CA LYS B 524 -12.23 24.13 0.12
C LYS B 524 -12.02 22.78 -0.59
N VAL B 525 -11.82 21.69 0.18
CA VAL B 525 -11.63 20.38 -0.45
C VAL B 525 -12.90 19.99 -1.21
N TYR B 526 -14.06 20.13 -0.55
CA TYR B 526 -15.34 19.76 -1.15
C TYR B 526 -15.57 20.50 -2.47
N ASN B 527 -15.27 21.81 -2.49
CA ASN B 527 -15.53 22.62 -3.69
C ASN B 527 -14.66 22.19 -4.86
N THR B 528 -13.47 21.65 -4.60
CA THR B 528 -12.66 21.09 -5.68
C THR B 528 -13.35 19.88 -6.29
N TYR B 529 -13.89 19.01 -5.44
CA TYR B 529 -14.64 17.85 -5.94
C TYR B 529 -15.85 18.30 -6.74
N ARG B 530 -16.51 19.37 -6.29
CA ARG B 530 -17.76 19.78 -6.91
C ARG B 530 -17.55 20.35 -8.30
N THR B 531 -16.44 21.06 -8.52
CA THR B 531 -16.26 21.61 -9.86
C THR B 531 -15.54 20.65 -10.80
N ALA B 532 -14.75 19.72 -10.27
CA ALA B 532 -14.19 18.68 -11.12
C ALA B 532 -15.25 17.70 -11.62
N GLY B 533 -16.42 17.62 -10.97
CA GLY B 533 -17.41 16.60 -11.28
C GLY B 533 -17.30 15.38 -10.39
N PHE B 534 -18.43 14.78 -10.02
CA PHE B 534 -18.44 13.68 -9.07
C PHE B 534 -19.57 12.70 -9.41
N THR B 535 -19.65 12.27 -10.67
CA THR B 535 -20.57 11.22 -11.07
C THR B 535 -19.84 10.21 -11.97
N PHE B 536 -18.52 10.11 -11.86
CA PHE B 536 -17.58 9.31 -12.66
C PHE B 536 -17.92 7.82 -12.80
N THR B 537 -17.04 7.07 -13.47
CA THR B 537 -17.14 5.61 -13.56
C THR B 537 -16.07 4.95 -12.70
#